data_8B9P
#
_entry.id   8B9P
#
_cell.length_a   73.885
_cell.length_b   76.757
_cell.length_c   115.049
_cell.angle_alpha   90.00
_cell.angle_beta   99.93
_cell.angle_gamma   90.00
#
_symmetry.space_group_name_H-M   'P 1 21 1'
#
loop_
_entity.id
_entity.type
_entity.pdbx_description
1 polymer 'Processed angiotensin-converting enzyme 2'
2 polymer ALA-CYS-GLY-ARG-GLN-PHE-CYS-HIS-THR-LEU-MET-PRO-ARG-HIS-LEU-CYS-ALA-NH2
3 non-polymer 1-[3,5-bis(3-bromanylpropanoyl)-1,3,5-triazinan-1-yl]-3-bromanyl-propan-1-one
4 water water
#
loop_
_entity_poly.entity_id
_entity_poly.type
_entity_poly.pdbx_seq_one_letter_code
_entity_poly.pdbx_strand_id
1 'polypeptide(L)'
;GSTIEEQAKTFLDKFNHEAEDLFYQSSLASWNYNTNITEENVQNMNNAGDKWSAFLKEQSTLAQMYPLQEIQNLTVKLQL
QALQQNGSSVLSEDKSKRLNTILNTMSTIYSTGKVCNPDNPQECLLLEPGLNEIMANSLDYNERLWAWESWRSEVGKQLR
PLYEEYVVLKNEMARANHYEDYGDYWRGDYEVNGVDGYDYSRGQLIEDVEHTFEEIKPLYEHLHAYVRAKLMNAYPSYIS
PIGCLPAHLLGDMWGRFWTNLYSLTVPFGQKPNIDVTDAMVDQAWDAQRIFKEAEKFFVSVGLPNMTQGFWENSMLTDPG
NVQKAVCHPTAWDLGKGDFRILMCTKVTMDDFLTAHHEMGHIQYDMAYAAQPFLLRNGANEGFHEAVGEIMSLSAATPKH
LKSIGLLSPDFQEDNETEINFLLKQALTIVGTLPFTYMLEKWRWMVFKGEIPKDQWMKKWWEMKREIVGVVEPVPHDETY
CDPASLFHVSNDYSFIRYYTRTLYQFQFQEALCQAAKHEGPLHKCDISNSTEAGQKLFNMLRLGKSEPWTLALENVVGAK
NMNVRPLLNYFEPLFTWLKDQNKNSFVGWSTDWSPYADSSPHHHHHHHH
;
A,B
2 'polypeptide(L)' ACGRQFCHTLMPRHLCA(NH2) C,D
#
# COMPACT_ATOMS: atom_id res chain seq x y z
N SER A 2 -39.58 0.25 -0.72
CA SER A 2 -38.64 -0.40 0.25
C SER A 2 -37.39 0.47 0.40
N THR A 3 -36.84 0.61 1.62
CA THR A 3 -35.50 1.22 1.90
C THR A 3 -34.44 0.40 1.15
N ILE A 4 -33.22 0.93 0.98
CA ILE A 4 -32.09 0.15 0.39
C ILE A 4 -31.80 -1.04 1.33
N GLU A 5 -31.99 -0.88 2.64
CA GLU A 5 -31.66 -1.92 3.64
C GLU A 5 -32.64 -3.10 3.58
N GLU A 6 -33.87 -2.84 3.14
CA GLU A 6 -34.95 -3.86 2.95
C GLU A 6 -34.73 -4.62 1.63
N GLN A 7 -34.24 -3.94 0.59
CA GLN A 7 -33.91 -4.57 -0.72
C GLN A 7 -32.67 -5.45 -0.55
N ALA A 8 -31.75 -5.07 0.34
CA ALA A 8 -30.51 -5.82 0.66
C ALA A 8 -30.89 -7.13 1.36
N LYS A 9 -31.83 -7.14 2.31
CA LYS A 9 -32.26 -8.39 2.97
C LYS A 9 -32.83 -9.30 1.90
N THR A 10 -33.75 -8.79 1.10
CA THR A 10 -34.44 -9.60 0.07
C THR A 10 -33.36 -10.23 -0.83
N PHE A 11 -32.34 -9.47 -1.21
CA PHE A 11 -31.22 -9.93 -2.08
C PHE A 11 -30.38 -11.03 -1.38
N LEU A 12 -30.06 -10.87 -0.09
CA LEU A 12 -29.25 -11.88 0.68
C LEU A 12 -30.04 -13.16 0.88
N ASP A 13 -31.28 -13.02 1.33
CA ASP A 13 -32.17 -14.20 1.54
C ASP A 13 -32.22 -14.96 0.21
N LYS A 14 -32.38 -14.27 -0.91
CA LYS A 14 -32.49 -14.96 -2.22
C LYS A 14 -31.14 -15.56 -2.60
N PHE A 15 -30.04 -14.89 -2.25
CA PHE A 15 -28.65 -15.33 -2.57
C PHE A 15 -28.32 -16.56 -1.72
N ASN A 16 -28.61 -16.54 -0.42
CA ASN A 16 -28.20 -17.64 0.49
C ASN A 16 -28.92 -18.93 0.13
N HIS A 17 -30.22 -18.87 -0.17
CA HIS A 17 -31.01 -20.05 -0.64
C HIS A 17 -30.27 -20.74 -1.78
N GLU A 18 -29.88 -20.01 -2.82
CA GLU A 18 -29.20 -20.51 -4.04
C GLU A 18 -27.79 -21.01 -3.71
N ALA A 19 -27.04 -20.22 -2.94
CA ALA A 19 -25.67 -20.56 -2.49
C ALA A 19 -25.68 -21.88 -1.73
N GLU A 20 -26.65 -22.05 -0.82
CA GLU A 20 -26.70 -23.29 -0.02
C GLU A 20 -26.80 -24.49 -0.97
N ASP A 21 -27.62 -24.39 -2.01
CA ASP A 21 -27.84 -25.49 -2.97
C ASP A 21 -26.57 -25.65 -3.83
N LEU A 22 -26.07 -24.58 -4.44
CA LEU A 22 -25.02 -24.65 -5.49
C LEU A 22 -23.65 -25.03 -4.89
N PHE A 23 -23.36 -24.58 -3.68
CA PHE A 23 -22.12 -24.95 -2.94
C PHE A 23 -22.16 -26.44 -2.57
N TYR A 24 -23.32 -26.98 -2.16
CA TYR A 24 -23.44 -28.40 -1.76
C TYR A 24 -23.20 -29.28 -2.98
N GLN A 25 -23.78 -28.88 -4.13
CA GLN A 25 -23.60 -29.55 -5.46
C GLN A 25 -22.11 -29.58 -5.84
N SER A 26 -21.38 -28.49 -5.63
CA SER A 26 -19.93 -28.35 -5.98
C SER A 26 -19.08 -29.14 -4.99
N SER A 27 -19.24 -28.93 -3.67
CA SER A 27 -18.53 -29.70 -2.60
C SER A 27 -18.78 -31.23 -2.74
N LEU A 28 -20.02 -31.68 -2.81
CA LEU A 28 -20.31 -33.14 -2.95
C LEU A 28 -19.64 -33.71 -4.22
N ALA A 29 -19.67 -33.01 -5.35
CA ALA A 29 -19.09 -33.54 -6.62
C ALA A 29 -17.57 -33.63 -6.49
N SER A 30 -16.96 -32.64 -5.87
CA SER A 30 -15.51 -32.57 -5.56
C SER A 30 -15.11 -33.75 -4.66
N TRP A 31 -15.84 -33.98 -3.57
CA TRP A 31 -15.57 -35.15 -2.69
C TRP A 31 -15.69 -36.44 -3.48
N ASN A 32 -16.74 -36.58 -4.29
CA ASN A 32 -16.98 -37.84 -5.04
C ASN A 32 -15.79 -38.13 -5.96
N TYR A 33 -15.25 -37.11 -6.62
CA TYR A 33 -14.08 -37.28 -7.51
C TYR A 33 -12.85 -37.71 -6.70
N ASN A 34 -12.58 -37.05 -5.58
CA ASN A 34 -11.38 -37.35 -4.76
C ASN A 34 -11.49 -38.75 -4.14
N THR A 35 -12.71 -39.25 -3.96
CA THR A 35 -12.92 -40.59 -3.37
C THR A 35 -12.91 -41.63 -4.49
N ASN A 36 -13.42 -41.28 -5.67
CA ASN A 36 -13.45 -42.22 -6.82
C ASN A 36 -13.12 -41.44 -8.09
N ILE A 37 -11.88 -41.50 -8.56
CA ILE A 37 -11.47 -40.68 -9.74
C ILE A 37 -12.04 -41.32 -11.01
N THR A 38 -13.04 -40.68 -11.63
CA THR A 38 -13.66 -41.20 -12.87
C THR A 38 -13.88 -40.01 -13.82
N GLU A 39 -14.08 -40.28 -15.10
CA GLU A 39 -14.36 -39.18 -16.07
C GLU A 39 -15.69 -38.50 -15.69
N GLU A 40 -16.68 -39.30 -15.27
CA GLU A 40 -18.00 -38.74 -14.88
C GLU A 40 -17.80 -37.81 -13.68
N ASN A 41 -17.00 -38.24 -12.71
CA ASN A 41 -16.81 -37.44 -11.47
C ASN A 41 -16.13 -36.11 -11.84
N VAL A 42 -15.19 -36.12 -12.78
CA VAL A 42 -14.45 -34.87 -13.12
C VAL A 42 -15.41 -33.93 -13.83
N GLN A 43 -16.21 -34.44 -14.77
CA GLN A 43 -17.22 -33.60 -15.48
C GLN A 43 -18.14 -32.93 -14.45
N ASN A 44 -18.75 -33.73 -13.57
CA ASN A 44 -19.65 -33.24 -12.50
C ASN A 44 -18.95 -32.17 -11.68
N MET A 45 -17.73 -32.44 -11.21
CA MET A 45 -17.00 -31.50 -10.33
C MET A 45 -16.76 -30.20 -11.09
N ASN A 46 -16.32 -30.29 -12.34
CA ASN A 46 -15.98 -29.08 -13.11
C ASN A 46 -17.26 -28.27 -13.37
N ASN A 47 -18.35 -28.93 -13.72
CA ASN A 47 -19.62 -28.23 -14.00
C ASN A 47 -20.15 -27.60 -12.72
N ALA A 48 -20.39 -28.38 -11.68
CA ALA A 48 -20.81 -27.88 -10.34
C ALA A 48 -19.90 -26.73 -9.91
N GLY A 49 -18.59 -26.86 -10.13
CA GLY A 49 -17.67 -25.76 -9.83
C GLY A 49 -17.92 -24.54 -10.69
N ASP A 50 -18.12 -24.75 -11.98
CA ASP A 50 -18.29 -23.61 -12.92
C ASP A 50 -19.60 -22.88 -12.58
N LYS A 51 -20.65 -23.61 -12.22
CA LYS A 51 -21.95 -23.00 -11.87
C LYS A 51 -21.79 -22.19 -10.59
N TRP A 52 -21.31 -22.83 -9.53
CA TRP A 52 -21.00 -22.07 -8.29
C TRP A 52 -20.28 -20.76 -8.64
N SER A 53 -19.22 -20.80 -9.43
CA SER A 53 -18.32 -19.65 -9.68
C SER A 53 -19.07 -18.59 -10.49
N ALA A 54 -19.75 -19.02 -11.55
CA ALA A 54 -20.57 -18.17 -12.44
C ALA A 54 -21.60 -17.40 -11.59
N PHE A 55 -22.21 -18.10 -10.64
CA PHE A 55 -23.27 -17.58 -9.72
C PHE A 55 -22.67 -16.55 -8.77
N LEU A 56 -21.48 -16.80 -8.27
CA LEU A 56 -20.85 -15.98 -7.23
C LEU A 56 -20.34 -14.68 -7.87
N LYS A 57 -19.70 -14.70 -9.04
CA LYS A 57 -19.26 -13.46 -9.73
C LYS A 57 -20.51 -12.64 -10.14
N GLU A 58 -21.58 -13.28 -10.60
CA GLU A 58 -22.84 -12.57 -10.96
C GLU A 58 -23.42 -11.84 -9.73
N GLN A 59 -23.53 -12.54 -8.60
CA GLN A 59 -24.14 -12.04 -7.34
C GLN A 59 -23.25 -10.99 -6.67
N SER A 60 -21.95 -11.07 -6.85
CA SER A 60 -20.97 -10.07 -6.33
C SER A 60 -21.13 -8.73 -7.05
N THR A 61 -21.34 -8.75 -8.38
CA THR A 61 -21.64 -7.53 -9.18
C THR A 61 -22.93 -6.90 -8.64
N LEU A 62 -24.02 -7.67 -8.53
CA LEU A 62 -25.37 -7.18 -8.11
C LEU A 62 -25.37 -6.63 -6.66
N ALA A 63 -24.42 -7.04 -5.80
CA ALA A 63 -24.27 -6.59 -4.39
C ALA A 63 -23.80 -5.13 -4.30
N GLN A 64 -23.30 -4.58 -5.40
CA GLN A 64 -22.77 -3.19 -5.47
C GLN A 64 -23.92 -2.19 -5.57
N MET A 65 -25.16 -2.67 -5.75
CA MET A 65 -26.38 -1.84 -5.86
C MET A 65 -26.78 -1.36 -4.46
N TYR A 66 -26.22 -1.98 -3.41
CA TYR A 66 -26.53 -1.76 -1.98
C TYR A 66 -25.32 -1.12 -1.30
N PRO A 67 -25.15 0.22 -1.35
CA PRO A 67 -24.05 0.88 -0.64
C PRO A 67 -23.98 0.38 0.81
N LEU A 68 -22.84 -0.19 1.20
CA LEU A 68 -22.71 -0.77 2.57
C LEU A 68 -22.96 0.32 3.62
N GLN A 69 -22.49 1.54 3.37
CA GLN A 69 -22.64 2.64 4.36
C GLN A 69 -24.14 2.80 4.70
N GLU A 70 -25.01 2.63 3.70
CA GLU A 70 -26.47 2.80 3.90
C GLU A 70 -27.06 1.48 4.41
N ILE A 71 -26.45 0.90 5.46
CA ILE A 71 -26.93 -0.40 6.02
C ILE A 71 -26.76 -0.38 7.54
N GLN A 72 -27.83 -0.04 8.28
CA GLN A 72 -27.76 -0.03 9.76
C GLN A 72 -27.37 -1.42 10.27
N ASN A 73 -28.09 -2.44 9.82
CA ASN A 73 -27.97 -3.85 10.27
C ASN A 73 -26.57 -4.38 9.92
N LEU A 74 -25.82 -4.78 10.95
CA LEU A 74 -24.38 -5.10 10.81
C LEU A 74 -24.21 -6.44 10.10
N THR A 75 -25.04 -7.45 10.38
CA THR A 75 -24.84 -8.83 9.86
C THR A 75 -25.07 -8.83 8.35
N VAL A 76 -26.03 -8.06 7.82
CA VAL A 76 -26.24 -8.00 6.34
C VAL A 76 -25.10 -7.19 5.70
N LYS A 77 -24.49 -6.29 6.45
CA LYS A 77 -23.33 -5.51 5.93
C LYS A 77 -22.12 -6.45 5.83
N LEU A 78 -21.78 -7.13 6.94
CA LEU A 78 -20.67 -8.11 6.93
C LEU A 78 -20.81 -9.09 5.77
N GLN A 79 -22.03 -9.57 5.51
CA GLN A 79 -22.31 -10.51 4.41
C GLN A 79 -22.11 -9.84 3.04
N LEU A 80 -22.77 -8.69 2.79
CA LEU A 80 -22.68 -7.93 1.50
C LEU A 80 -21.22 -7.51 1.23
N GLN A 81 -20.44 -7.23 2.28
CA GLN A 81 -19.00 -6.91 2.18
C GLN A 81 -18.24 -8.16 1.70
N ALA A 82 -18.41 -9.28 2.39
CA ALA A 82 -17.83 -10.58 1.99
C ALA A 82 -18.21 -10.84 0.53
N LEU A 83 -19.47 -10.60 0.18
CA LEU A 83 -19.98 -10.93 -1.18
C LEU A 83 -19.34 -9.94 -2.17
N GLN A 84 -19.08 -8.69 -1.75
CA GLN A 84 -18.40 -7.67 -2.59
C GLN A 84 -16.94 -8.14 -2.82
N GLN A 85 -16.24 -8.57 -1.76
CA GLN A 85 -14.83 -9.09 -1.78
C GLN A 85 -14.68 -10.37 -2.63
N ASN A 86 -15.72 -11.21 -2.80
CA ASN A 86 -15.59 -12.50 -3.53
C ASN A 86 -15.78 -12.30 -5.03
N GLY A 87 -15.94 -11.04 -5.47
CA GLY A 87 -16.14 -10.76 -6.90
C GLY A 87 -14.84 -10.82 -7.68
N SER A 88 -14.93 -11.12 -8.97
CA SER A 88 -13.72 -11.20 -9.83
C SER A 88 -14.05 -10.73 -11.24
N SER A 89 -14.40 -9.45 -11.40
CA SER A 89 -14.83 -8.96 -12.74
C SER A 89 -14.19 -7.60 -13.05
N VAL A 90 -12.94 -7.39 -12.61
CA VAL A 90 -12.23 -6.10 -12.86
C VAL A 90 -11.18 -6.31 -13.95
N LEU A 91 -10.51 -7.48 -13.95
CA LEU A 91 -9.46 -7.77 -14.95
C LEU A 91 -10.11 -7.99 -16.33
N SER A 92 -9.40 -7.67 -17.40
CA SER A 92 -9.96 -7.82 -18.77
C SER A 92 -10.19 -9.30 -19.06
N GLU A 93 -11.13 -9.60 -19.98
CA GLU A 93 -11.46 -11.01 -20.31
C GLU A 93 -10.19 -11.74 -20.78
N ASP A 94 -9.42 -11.12 -21.68
CA ASP A 94 -8.20 -11.76 -22.22
C ASP A 94 -7.24 -12.08 -21.08
N LYS A 95 -6.88 -11.08 -20.27
CA LYS A 95 -5.88 -11.28 -19.19
C LYS A 95 -6.43 -12.28 -18.16
N SER A 96 -7.73 -12.21 -17.88
CA SER A 96 -8.37 -13.16 -16.93
C SER A 96 -8.21 -14.58 -17.46
N LYS A 97 -8.45 -14.79 -18.75
CA LYS A 97 -8.35 -16.14 -19.38
C LYS A 97 -6.88 -16.58 -19.39
N ARG A 98 -5.98 -15.66 -19.71
CA ARG A 98 -4.53 -16.00 -19.81
C ARG A 98 -4.03 -16.33 -18.40
N LEU A 99 -4.45 -15.57 -17.38
CA LEU A 99 -4.02 -15.78 -15.97
C LEU A 99 -4.44 -17.20 -15.54
N ASN A 100 -5.70 -17.59 -15.78
CA ASN A 100 -6.21 -18.98 -15.50
C ASN A 100 -5.32 -20.00 -16.19
N THR A 101 -5.01 -19.76 -17.45
CA THR A 101 -4.25 -20.68 -18.32
C THR A 101 -2.87 -20.88 -17.69
N ILE A 102 -2.26 -19.82 -17.18
CA ILE A 102 -0.93 -19.87 -16.54
C ILE A 102 -1.04 -20.57 -15.18
N LEU A 103 -2.18 -20.42 -14.51
CA LEU A 103 -2.36 -21.09 -13.20
C LEU A 103 -2.42 -22.59 -13.45
N ASN A 104 -3.15 -22.98 -14.49
CA ASN A 104 -3.32 -24.43 -14.79
C ASN A 104 -1.98 -24.99 -15.24
N THR A 105 -1.26 -24.26 -16.10
CA THR A 105 0.04 -24.74 -16.63
C THR A 105 1.01 -24.92 -15.48
N MET A 106 1.26 -23.87 -14.70
CA MET A 106 2.16 -23.96 -13.52
C MET A 106 1.72 -25.15 -12.64
N SER A 107 0.42 -25.30 -12.34
CA SER A 107 -0.11 -26.36 -11.44
C SER A 107 0.29 -27.72 -12.01
N THR A 108 0.11 -27.92 -13.32
CA THR A 108 0.32 -29.20 -14.05
C THR A 108 1.82 -29.57 -14.14
N ILE A 109 2.69 -28.62 -14.48
CA ILE A 109 4.15 -28.93 -14.62
C ILE A 109 4.71 -29.24 -13.24
N TYR A 110 4.13 -28.72 -12.15
CA TYR A 110 4.60 -29.05 -10.78
C TYR A 110 4.11 -30.45 -10.42
N SER A 111 2.87 -30.81 -10.79
CA SER A 111 2.27 -32.13 -10.42
C SER A 111 2.79 -33.22 -11.37
N THR A 112 3.20 -32.86 -12.61
CA THR A 112 3.76 -33.77 -13.65
C THR A 112 5.31 -33.72 -13.68
N GLY A 113 5.93 -32.81 -12.93
CA GLY A 113 7.40 -32.77 -12.75
C GLY A 113 8.00 -34.15 -12.53
N LYS A 114 8.85 -34.57 -13.48
CA LYS A 114 9.58 -35.86 -13.37
C LYS A 114 11.02 -35.65 -13.86
N VAL A 115 12.01 -36.17 -13.14
CA VAL A 115 13.47 -36.05 -13.47
C VAL A 115 14.06 -37.46 -13.55
N CYS A 116 15.03 -37.68 -14.45
CA CYS A 116 15.68 -38.98 -14.75
C CYS A 116 17.17 -38.84 -14.46
N ASN A 117 17.81 -39.90 -13.98
CA ASN A 117 19.23 -39.85 -13.52
C ASN A 117 20.15 -39.69 -14.73
N PRO A 118 21.25 -38.91 -14.64
CA PRO A 118 22.32 -38.99 -15.64
C PRO A 118 22.91 -40.41 -15.69
N ASP A 119 23.04 -41.03 -14.50
CA ASP A 119 23.60 -42.41 -14.41
C ASP A 119 22.54 -43.40 -14.91
N ASN A 120 21.27 -42.97 -14.98
CA ASN A 120 20.21 -43.86 -15.52
C ASN A 120 19.17 -43.03 -16.27
N PRO A 121 19.16 -43.06 -17.62
CA PRO A 121 18.17 -42.32 -18.41
C PRO A 121 16.76 -42.89 -18.19
N GLN A 122 16.67 -44.09 -17.61
CA GLN A 122 15.34 -44.69 -17.32
C GLN A 122 15.00 -44.50 -15.84
N GLU A 123 15.95 -43.97 -15.05
CA GLU A 123 15.68 -43.68 -13.62
C GLU A 123 14.92 -42.36 -13.52
N CYS A 124 13.71 -42.30 -14.09
CA CYS A 124 12.88 -41.07 -14.00
C CYS A 124 12.13 -41.10 -12.67
N LEU A 125 12.10 -39.97 -11.95
CA LEU A 125 11.51 -40.01 -10.58
C LEU A 125 10.55 -38.84 -10.31
N LEU A 126 9.24 -39.08 -10.38
CA LEU A 126 8.22 -38.11 -9.92
C LEU A 126 8.65 -37.46 -8.58
N LEU A 127 8.03 -36.33 -8.17
CA LEU A 127 8.34 -35.67 -6.86
C LEU A 127 7.78 -36.49 -5.66
N GLU A 128 6.52 -36.96 -5.78
CA GLU A 128 5.89 -37.86 -4.78
C GLU A 128 5.59 -39.19 -5.47
N PRO A 129 6.04 -40.34 -4.94
CA PRO A 129 6.84 -40.40 -3.71
C PRO A 129 8.35 -40.33 -3.97
N GLY A 130 8.74 -40.27 -5.25
CA GLY A 130 10.12 -40.58 -5.72
C GLY A 130 11.19 -39.69 -5.08
N LEU A 131 11.24 -38.40 -5.45
CA LEU A 131 12.33 -37.45 -5.04
C LEU A 131 12.21 -37.10 -3.55
N ASN A 132 10.98 -37.01 -3.04
CA ASN A 132 10.68 -36.82 -1.59
C ASN A 132 11.34 -37.97 -0.79
N GLU A 133 11.25 -39.21 -1.28
CA GLU A 133 11.88 -40.39 -0.62
C GLU A 133 13.34 -40.07 -0.35
N ILE A 134 14.04 -39.70 -1.42
CA ILE A 134 15.53 -39.46 -1.42
C ILE A 134 15.79 -38.36 -0.40
N MET A 135 15.01 -37.27 -0.50
CA MET A 135 15.21 -35.99 0.23
C MET A 135 14.80 -36.14 1.72
N ALA A 136 13.91 -37.07 2.06
CA ALA A 136 13.65 -37.42 3.48
C ALA A 136 14.80 -38.28 4.06
N ASN A 137 15.24 -39.33 3.35
CA ASN A 137 16.00 -40.48 3.94
C ASN A 137 17.50 -40.42 3.60
N SER A 138 17.90 -40.18 2.34
CA SER A 138 19.30 -40.38 1.90
C SER A 138 20.27 -39.75 2.92
N LEU A 139 21.45 -40.36 3.10
CA LEU A 139 22.61 -39.76 3.82
C LEU A 139 23.73 -39.51 2.80
N ASP A 140 23.36 -39.46 1.52
CA ASP A 140 24.26 -39.45 0.33
C ASP A 140 24.30 -38.03 -0.26
N TYR A 141 25.27 -37.20 0.14
CA TYR A 141 25.39 -35.79 -0.29
C TYR A 141 25.05 -35.65 -1.78
N ASN A 142 25.79 -36.36 -2.63
CA ASN A 142 25.78 -36.12 -4.10
C ASN A 142 24.49 -36.70 -4.69
N GLU A 143 23.79 -37.59 -3.96
CA GLU A 143 22.48 -38.12 -4.40
C GLU A 143 21.37 -37.10 -4.04
N ARG A 144 21.39 -36.61 -2.80
CA ARG A 144 20.52 -35.51 -2.31
C ARG A 144 20.67 -34.34 -3.31
N LEU A 145 21.91 -34.02 -3.68
CA LEU A 145 22.30 -32.90 -4.59
C LEU A 145 21.67 -33.07 -5.96
N TRP A 146 21.69 -34.27 -6.51
CA TRP A 146 21.12 -34.56 -7.84
C TRP A 146 19.60 -34.28 -7.81
N ALA A 147 18.91 -34.74 -6.75
CA ALA A 147 17.43 -34.64 -6.64
C ALA A 147 17.03 -33.17 -6.48
N TRP A 148 17.74 -32.45 -5.59
CA TRP A 148 17.59 -30.99 -5.36
C TRP A 148 17.78 -30.23 -6.69
N GLU A 149 18.91 -30.46 -7.40
CA GLU A 149 19.35 -29.65 -8.57
C GLU A 149 18.45 -29.96 -9.77
N SER A 150 18.20 -31.24 -10.02
CA SER A 150 17.39 -31.69 -11.16
C SER A 150 15.99 -31.07 -11.04
N TRP A 151 15.41 -31.16 -9.83
CA TRP A 151 14.03 -30.66 -9.57
C TRP A 151 13.91 -29.21 -10.00
N ARG A 152 14.89 -28.39 -9.60
CA ARG A 152 14.90 -26.92 -9.81
C ARG A 152 15.21 -26.56 -11.29
N SER A 153 16.14 -27.30 -11.92
CA SER A 153 16.69 -27.02 -13.28
C SER A 153 15.86 -27.71 -14.37
N GLU A 154 14.90 -28.56 -14.02
CA GLU A 154 13.95 -29.18 -14.99
C GLU A 154 12.56 -28.56 -14.83
N VAL A 155 11.98 -28.64 -13.64
CA VAL A 155 10.62 -28.11 -13.34
C VAL A 155 10.67 -26.59 -13.14
N GLY A 156 11.60 -26.10 -12.30
CA GLY A 156 11.75 -24.68 -11.96
C GLY A 156 11.95 -23.82 -13.20
N LYS A 157 12.83 -24.26 -14.11
CA LYS A 157 13.19 -23.53 -15.36
C LYS A 157 11.99 -23.49 -16.29
N GLN A 158 11.10 -24.48 -16.25
CA GLN A 158 9.82 -24.42 -16.99
C GLN A 158 8.88 -23.37 -16.37
N LEU A 159 9.08 -23.02 -15.10
CA LEU A 159 8.12 -22.11 -14.40
C LEU A 159 8.57 -20.64 -14.51
N ARG A 160 9.87 -20.37 -14.60
CA ARG A 160 10.37 -18.96 -14.58
C ARG A 160 9.54 -18.06 -15.51
N PRO A 161 9.33 -18.42 -16.80
CA PRO A 161 8.61 -17.53 -17.72
C PRO A 161 7.15 -17.33 -17.28
N LEU A 162 6.43 -18.41 -17.01
CA LEU A 162 5.01 -18.35 -16.56
C LEU A 162 4.90 -17.54 -15.25
N TYR A 163 5.88 -17.67 -14.35
CA TYR A 163 5.87 -16.94 -13.05
C TYR A 163 6.10 -15.44 -13.25
N GLU A 164 6.80 -15.02 -14.30
CA GLU A 164 6.97 -13.58 -14.62
C GLU A 164 5.64 -13.01 -15.13
N GLU A 165 4.97 -13.74 -16.01
CA GLU A 165 3.65 -13.37 -16.60
C GLU A 165 2.56 -13.39 -15.51
N TYR A 166 2.64 -14.32 -14.55
CA TYR A 166 1.69 -14.44 -13.41
C TYR A 166 1.81 -13.20 -12.53
N VAL A 167 3.05 -12.83 -12.19
CA VAL A 167 3.32 -11.67 -11.30
C VAL A 167 2.63 -10.44 -11.90
N VAL A 168 2.88 -10.13 -13.18
CA VAL A 168 2.39 -8.87 -13.82
C VAL A 168 0.86 -8.92 -13.84
N LEU A 169 0.26 -10.08 -14.11
CA LEU A 169 -1.23 -10.21 -14.24
C LEU A 169 -1.92 -10.20 -12.86
N LYS A 170 -1.32 -10.76 -11.80
CA LYS A 170 -1.89 -10.66 -10.43
C LYS A 170 -1.78 -9.21 -9.94
N ASN A 171 -0.64 -8.55 -10.17
CA ASN A 171 -0.46 -7.12 -9.80
C ASN A 171 -1.51 -6.27 -10.51
N GLU A 172 -1.92 -6.58 -11.73
CA GLU A 172 -2.91 -5.72 -12.45
C GLU A 172 -4.26 -5.83 -11.73
N MET A 173 -4.68 -7.05 -11.38
CA MET A 173 -5.98 -7.26 -10.70
C MET A 173 -5.98 -6.56 -9.33
N ALA A 174 -4.90 -6.73 -8.55
CA ALA A 174 -4.86 -6.15 -7.19
C ALA A 174 -4.95 -4.62 -7.26
N ARG A 175 -4.14 -4.00 -8.13
CA ARG A 175 -4.12 -2.52 -8.24
C ARG A 175 -5.48 -2.06 -8.79
N ALA A 176 -6.11 -2.86 -9.64
CA ALA A 176 -7.46 -2.52 -10.16
C ALA A 176 -8.45 -2.49 -8.99
N ASN A 177 -8.15 -3.20 -7.91
CA ASN A 177 -9.02 -3.20 -6.71
C ASN A 177 -8.50 -2.16 -5.71
N HIS A 178 -7.52 -1.35 -6.13
CA HIS A 178 -6.99 -0.24 -5.28
C HIS A 178 -5.99 -0.78 -4.25
N TYR A 179 -5.52 -2.01 -4.42
CA TYR A 179 -4.46 -2.53 -3.52
C TYR A 179 -3.09 -2.14 -4.09
N GLU A 180 -2.10 -1.93 -3.23
CA GLU A 180 -0.75 -1.51 -3.69
C GLU A 180 -0.18 -2.56 -4.64
N ASP A 181 -0.33 -3.84 -4.29
CA ASP A 181 0.19 -4.95 -5.13
C ASP A 181 -0.51 -6.25 -4.71
N TYR A 182 -0.13 -7.37 -5.32
CA TYR A 182 -0.74 -8.68 -4.99
C TYR A 182 -0.38 -9.11 -3.56
N GLY A 183 0.85 -8.84 -3.12
CA GLY A 183 1.26 -9.15 -1.74
C GLY A 183 0.43 -8.36 -0.75
N ASP A 184 0.19 -7.08 -1.04
CA ASP A 184 -0.68 -6.25 -0.18
C ASP A 184 -2.06 -6.89 -0.17
N TYR A 185 -2.53 -7.31 -1.35
CA TYR A 185 -3.86 -7.97 -1.47
C TYR A 185 -3.91 -9.18 -0.53
N TRP A 186 -2.82 -9.95 -0.44
CA TRP A 186 -2.77 -11.15 0.43
C TRP A 186 -2.80 -10.69 1.90
N ARG A 187 -2.02 -9.67 2.24
CA ARG A 187 -1.96 -9.14 3.64
C ARG A 187 -3.37 -8.65 3.98
N GLY A 188 -4.19 -8.46 2.96
CA GLY A 188 -5.61 -8.13 3.11
C GLY A 188 -6.31 -9.14 3.98
N ASP A 189 -5.87 -10.39 3.99
CA ASP A 189 -6.61 -11.46 4.73
C ASP A 189 -6.75 -11.02 6.19
N TYR A 190 -5.75 -10.31 6.72
CA TYR A 190 -5.62 -9.97 8.16
C TYR A 190 -6.12 -8.55 8.44
N GLU A 191 -6.57 -7.82 7.43
CA GLU A 191 -7.05 -6.43 7.59
C GLU A 191 -8.33 -6.42 8.42
N VAL A 192 -8.37 -5.55 9.44
CA VAL A 192 -9.62 -5.19 10.13
C VAL A 192 -9.76 -3.67 10.07
N ASN A 193 -10.77 -3.21 9.36
CA ASN A 193 -10.96 -1.77 9.15
C ASN A 193 -12.35 -1.38 9.68
N GLY A 194 -12.41 -0.40 10.59
CA GLY A 194 -13.64 0.25 11.08
C GLY A 194 -14.31 -0.51 12.21
N VAL A 195 -13.53 -1.19 13.06
CA VAL A 195 -13.99 -1.72 14.38
C VAL A 195 -13.11 -1.13 15.48
N ASP A 196 -13.60 -0.09 16.15
CA ASP A 196 -12.85 0.67 17.19
C ASP A 196 -12.30 -0.36 18.19
N GLY A 197 -11.00 -0.32 18.49
CA GLY A 197 -10.36 -1.23 19.46
C GLY A 197 -9.66 -2.43 18.83
N TYR A 198 -10.05 -2.86 17.62
CA TYR A 198 -9.70 -4.20 17.06
C TYR A 198 -9.20 -4.06 15.61
N ASP A 199 -8.87 -2.84 15.21
CA ASP A 199 -8.43 -2.54 13.82
C ASP A 199 -7.02 -3.08 13.63
N TYR A 200 -6.68 -3.39 12.39
CA TYR A 200 -5.40 -4.03 11.98
C TYR A 200 -5.21 -3.80 10.49
N SER A 201 -4.03 -3.26 10.15
CA SER A 201 -3.73 -2.88 8.74
C SER A 201 -2.80 -3.90 8.08
N ARG A 202 -2.60 -3.77 6.77
CA ARG A 202 -1.75 -4.73 6.01
C ARG A 202 -0.27 -4.50 6.31
N GLY A 203 0.14 -3.25 6.58
CA GLY A 203 1.54 -2.97 6.94
C GLY A 203 1.81 -3.35 8.38
N GLN A 204 0.76 -3.36 9.21
CA GLN A 204 0.86 -3.75 10.63
C GLN A 204 1.40 -5.17 10.62
N LEU A 205 1.01 -5.96 9.61
CA LEU A 205 1.30 -7.41 9.54
C LEU A 205 2.80 -7.64 9.32
N ILE A 206 3.39 -6.95 8.34
CA ILE A 206 4.86 -6.99 8.06
C ILE A 206 5.59 -6.66 9.35
N GLU A 207 5.26 -5.54 10.01
CA GLU A 207 6.00 -5.12 11.22
C GLU A 207 5.94 -6.20 12.31
N ASP A 208 4.75 -6.73 12.59
CA ASP A 208 4.52 -7.76 13.67
C ASP A 208 5.23 -9.09 13.36
N VAL A 209 5.26 -9.51 12.09
CA VAL A 209 6.05 -10.68 11.62
C VAL A 209 7.52 -10.38 11.89
N GLU A 210 7.97 -9.23 11.40
CA GLU A 210 9.38 -8.77 11.50
C GLU A 210 9.76 -8.68 12.97
N HIS A 211 8.91 -8.04 13.81
CA HIS A 211 9.16 -7.87 15.27
C HIS A 211 9.21 -9.23 15.96
N THR A 212 8.26 -10.13 15.72
CA THR A 212 8.21 -11.46 16.40
C THR A 212 9.37 -12.33 15.91
N PHE A 213 9.73 -12.22 14.64
CA PHE A 213 10.87 -12.97 14.07
C PHE A 213 12.18 -12.63 14.82
N GLU A 214 12.42 -11.36 15.13
CA GLU A 214 13.60 -10.89 15.89
C GLU A 214 13.69 -11.64 17.21
N GLU A 215 12.56 -11.82 17.89
CA GLU A 215 12.50 -12.49 19.22
C GLU A 215 12.71 -14.02 19.05
N ILE A 216 12.37 -14.59 17.89
CA ILE A 216 12.50 -16.05 17.62
C ILE A 216 13.97 -16.36 17.31
N LYS A 217 14.70 -15.38 16.78
CA LYS A 217 16.05 -15.55 16.16
C LYS A 217 17.07 -16.21 17.11
N PRO A 218 17.29 -15.77 18.38
CA PRO A 218 18.27 -16.44 19.24
C PRO A 218 18.00 -17.95 19.36
N LEU A 219 16.75 -18.37 19.47
CA LEU A 219 16.39 -19.81 19.49
C LEU A 219 16.76 -20.51 18.16
N TYR A 220 16.38 -19.96 17.00
CA TYR A 220 16.71 -20.55 15.67
C TYR A 220 18.23 -20.67 15.51
N GLU A 221 18.96 -19.66 16.00
CA GLU A 221 20.44 -19.54 15.83
C GLU A 221 21.08 -20.75 16.51
N HIS A 222 20.67 -20.98 17.75
CA HIS A 222 21.14 -22.09 18.61
C HIS A 222 20.68 -23.45 18.04
N LEU A 223 19.42 -23.56 17.61
CA LEU A 223 18.97 -24.77 16.90
C LEU A 223 19.86 -24.99 15.67
N HIS A 224 20.08 -23.94 14.87
CA HIS A 224 20.86 -23.98 13.60
C HIS A 224 22.28 -24.48 13.89
N ALA A 225 23.00 -23.88 14.84
CA ALA A 225 24.41 -24.18 15.20
C ALA A 225 24.57 -25.63 15.68
N TYR A 226 23.61 -26.13 16.48
CA TYR A 226 23.52 -27.53 16.99
C TYR A 226 23.24 -28.48 15.83
N VAL A 227 22.18 -28.21 15.06
CA VAL A 227 21.86 -29.04 13.85
C VAL A 227 23.10 -29.08 12.91
N ARG A 228 23.84 -27.98 12.78
CA ARG A 228 25.05 -27.90 11.94
C ARG A 228 26.17 -28.78 12.53
N ALA A 229 26.60 -28.52 13.76
CA ALA A 229 27.63 -29.33 14.45
C ALA A 229 27.36 -30.81 14.18
N LYS A 230 26.08 -31.19 14.18
CA LYS A 230 25.58 -32.57 13.98
C LYS A 230 25.69 -32.94 12.50
N LEU A 231 25.27 -32.07 11.58
CA LEU A 231 25.42 -32.35 10.13
C LEU A 231 26.91 -32.47 9.73
N MET A 232 27.83 -31.85 10.47
CA MET A 232 29.30 -31.96 10.24
C MET A 232 29.75 -33.42 10.36
N ASN A 233 29.59 -34.04 11.54
CA ASN A 233 29.84 -35.49 11.76
C ASN A 233 29.26 -36.33 10.61
N ALA A 234 28.06 -35.98 10.15
CA ALA A 234 27.32 -36.77 9.16
C ALA A 234 27.62 -36.30 7.72
N TYR A 235 28.53 -35.35 7.49
CA TYR A 235 29.01 -34.96 6.13
C TYR A 235 30.36 -34.27 6.23
N PRO A 236 31.43 -35.00 6.65
CA PRO A 236 32.63 -34.37 7.22
C PRO A 236 33.44 -33.49 6.26
N SER A 237 33.32 -33.75 4.96
CA SER A 237 34.05 -32.98 3.90
C SER A 237 33.30 -31.68 3.60
N TYR A 238 32.00 -31.62 3.87
CA TYR A 238 31.05 -30.77 3.10
C TYR A 238 30.48 -29.59 3.89
N ILE A 239 30.69 -29.49 5.22
CA ILE A 239 29.98 -28.51 6.09
C ILE A 239 30.97 -27.69 6.92
N SER A 240 31.02 -26.38 6.65
CA SER A 240 31.84 -25.38 7.38
C SER A 240 31.27 -25.13 8.76
N PRO A 241 32.10 -24.96 9.81
CA PRO A 241 31.59 -24.76 11.18
C PRO A 241 30.97 -23.38 11.44
N ILE A 242 31.10 -22.46 10.46
CA ILE A 242 30.69 -21.03 10.51
C ILE A 242 29.82 -20.71 9.28
N GLY A 243 29.43 -21.72 8.52
CA GLY A 243 28.72 -21.44 7.27
C GLY A 243 27.25 -21.80 7.30
N CYS A 244 26.52 -21.41 6.26
CA CYS A 244 25.09 -21.78 6.15
C CYS A 244 25.00 -23.27 5.83
N LEU A 245 23.87 -23.89 6.12
CA LEU A 245 23.69 -25.35 5.83
C LEU A 245 23.31 -25.51 4.35
N PRO A 246 23.99 -26.36 3.56
CA PRO A 246 23.59 -26.59 2.18
C PRO A 246 22.10 -26.93 2.06
N ALA A 247 21.39 -26.28 1.16
CA ALA A 247 19.92 -26.41 1.02
C ALA A 247 19.47 -27.87 0.80
N HIS A 248 20.34 -28.76 0.34
CA HIS A 248 19.93 -30.12 -0.13
C HIS A 248 19.95 -31.13 1.03
N LEU A 249 20.40 -30.70 2.23
CA LEU A 249 20.71 -31.61 3.36
C LEU A 249 19.72 -31.44 4.53
N LEU A 250 18.52 -30.92 4.30
CA LEU A 250 17.69 -30.41 5.43
C LEU A 250 16.44 -31.28 5.66
N GLY A 251 16.35 -32.44 5.03
CA GLY A 251 15.32 -33.44 5.37
C GLY A 251 14.08 -33.32 4.52
N ASP A 252 14.05 -32.41 3.55
CA ASP A 252 12.98 -32.41 2.49
C ASP A 252 13.45 -31.63 1.26
N MET A 253 12.62 -31.53 0.25
CA MET A 253 13.07 -31.01 -1.06
C MET A 253 13.51 -29.54 -0.94
N TRP A 254 13.10 -28.81 0.11
CA TRP A 254 13.31 -27.34 0.25
C TRP A 254 13.94 -26.96 1.60
N GLY A 255 13.80 -27.80 2.62
CA GLY A 255 14.14 -27.39 4.01
C GLY A 255 12.99 -26.66 4.67
N ARG A 256 11.77 -26.88 4.18
CA ARG A 256 10.55 -26.27 4.74
C ARG A 256 10.39 -26.72 6.20
N PHE A 257 10.68 -28.00 6.46
CA PHE A 257 10.74 -28.63 7.80
C PHE A 257 12.05 -29.39 7.88
N TRP A 258 12.63 -29.47 9.07
CA TRP A 258 13.87 -30.22 9.37
C TRP A 258 13.56 -31.55 10.11
N THR A 259 12.28 -31.95 10.17
CA THR A 259 11.76 -33.13 10.94
C THR A 259 12.65 -34.37 10.72
N ASN A 260 12.98 -34.63 9.47
CA ASN A 260 13.75 -35.83 9.03
C ASN A 260 15.23 -35.77 9.41
N LEU A 261 15.70 -34.75 10.14
CA LEU A 261 17.09 -34.70 10.67
C LEU A 261 17.08 -35.18 12.11
N TYR A 262 15.97 -35.74 12.61
CA TYR A 262 15.87 -36.15 14.03
C TYR A 262 16.94 -37.21 14.28
N SER A 263 17.04 -38.19 13.38
CA SER A 263 17.90 -39.40 13.56
C SER A 263 19.37 -38.97 13.69
N LEU A 264 19.78 -37.89 13.00
CA LEU A 264 21.18 -37.34 12.98
C LEU A 264 21.42 -36.38 14.15
N THR A 265 20.37 -35.81 14.75
CA THR A 265 20.45 -34.65 15.69
C THR A 265 19.96 -35.01 17.10
N VAL A 266 19.35 -36.20 17.31
CA VAL A 266 18.80 -36.67 18.61
C VAL A 266 19.76 -36.31 19.74
N PRO A 267 19.34 -35.49 20.73
CA PRO A 267 20.16 -35.18 21.90
C PRO A 267 20.60 -36.41 22.71
N PHE A 268 19.71 -37.37 22.91
CA PHE A 268 20.04 -38.64 23.61
C PHE A 268 19.53 -39.82 22.78
N GLY A 269 20.26 -40.17 21.72
CA GLY A 269 19.97 -41.34 20.86
C GLY A 269 20.02 -42.65 21.62
N GLN A 270 20.48 -42.61 22.88
CA GLN A 270 20.61 -43.82 23.74
C GLN A 270 19.27 -44.09 24.43
N LYS A 271 18.35 -43.13 24.40
CA LYS A 271 16.99 -43.38 24.93
C LYS A 271 16.20 -44.09 23.82
N PRO A 272 15.34 -45.09 24.14
CA PRO A 272 14.64 -45.87 23.11
C PRO A 272 13.55 -45.08 22.37
N ASN A 273 13.08 -45.60 21.23
CA ASN A 273 12.01 -44.93 20.45
C ASN A 273 10.76 -44.81 21.32
N ILE A 274 10.13 -43.63 21.33
CA ILE A 274 8.91 -43.39 22.16
C ILE A 274 7.70 -43.35 21.24
N ASP A 275 7.77 -44.02 20.09
CA ASP A 275 6.61 -44.09 19.17
C ASP A 275 5.66 -45.17 19.69
N VAL A 276 4.36 -44.87 19.73
CA VAL A 276 3.37 -45.83 20.29
C VAL A 276 2.73 -46.65 19.16
N THR A 277 3.32 -46.58 17.96
CA THR A 277 2.80 -47.39 16.82
C THR A 277 2.79 -48.86 17.23
N ASP A 278 3.81 -49.29 17.98
CA ASP A 278 3.90 -50.70 18.44
C ASP A 278 2.67 -51.06 19.27
N ALA A 279 2.30 -50.20 20.22
CA ALA A 279 1.16 -50.49 21.11
C ALA A 279 -0.14 -50.52 20.30
N MET A 280 -0.28 -49.62 19.33
CA MET A 280 -1.49 -49.57 18.48
C MET A 280 -1.61 -50.91 17.73
N VAL A 281 -0.49 -51.45 17.24
CA VAL A 281 -0.49 -52.76 16.53
C VAL A 281 -0.78 -53.87 17.53
N ASP A 282 -0.12 -53.85 18.69
CA ASP A 282 -0.27 -54.94 19.70
C ASP A 282 -1.71 -54.96 20.24
N GLN A 283 -2.36 -53.79 20.33
CA GLN A 283 -3.77 -53.72 20.81
C GLN A 283 -4.74 -53.80 19.61
N ALA A 284 -4.23 -54.02 18.40
CA ALA A 284 -5.02 -54.30 17.18
C ALA A 284 -5.85 -53.08 16.77
N TRP A 285 -5.33 -51.85 16.91
CA TRP A 285 -6.11 -50.65 16.49
C TRP A 285 -6.28 -50.65 14.97
N ASP A 286 -7.47 -50.28 14.51
CA ASP A 286 -7.78 -50.07 13.07
C ASP A 286 -8.11 -48.58 12.93
N ALA A 287 -8.58 -48.15 11.76
CA ALA A 287 -8.81 -46.72 11.45
C ALA A 287 -9.99 -46.25 12.29
N GLN A 288 -11.06 -47.06 12.42
CA GLN A 288 -12.27 -46.72 13.22
C GLN A 288 -11.83 -46.34 14.63
N ARG A 289 -10.98 -47.15 15.22
CA ARG A 289 -10.58 -46.96 16.63
C ARG A 289 -9.81 -45.64 16.73
N ILE A 290 -8.94 -45.36 15.76
CA ILE A 290 -8.12 -44.11 15.74
C ILE A 290 -9.08 -42.90 15.74
N PHE A 291 -10.02 -42.86 14.81
CA PHE A 291 -11.00 -41.75 14.69
C PHE A 291 -11.99 -41.76 15.87
N LYS A 292 -12.28 -42.93 16.45
CA LYS A 292 -13.23 -43.07 17.58
C LYS A 292 -12.57 -42.51 18.85
N GLU A 293 -11.26 -42.61 18.90
CA GLU A 293 -10.47 -42.15 20.04
C GLU A 293 -10.25 -40.63 19.88
N ALA A 294 -10.24 -40.11 18.66
CA ALA A 294 -10.12 -38.65 18.40
C ALA A 294 -11.45 -38.00 18.76
N GLU A 295 -12.56 -38.63 18.37
CA GLU A 295 -13.92 -38.22 18.78
C GLU A 295 -14.00 -38.10 20.32
N LYS A 296 -13.57 -39.12 21.06
CA LYS A 296 -13.71 -39.11 22.54
C LYS A 296 -12.97 -37.89 23.12
N PHE A 297 -11.84 -37.51 22.55
CA PHE A 297 -11.03 -36.37 23.08
C PHE A 297 -11.86 -35.09 23.06
N PHE A 298 -12.58 -34.84 21.97
CA PHE A 298 -13.38 -33.60 21.83
C PHE A 298 -14.58 -33.65 22.79
N VAL A 299 -15.12 -34.85 23.05
CA VAL A 299 -16.26 -34.99 24.00
C VAL A 299 -15.75 -34.72 25.42
N SER A 300 -14.49 -35.08 25.70
CA SER A 300 -13.89 -34.86 27.04
C SER A 300 -13.87 -33.36 27.35
N VAL A 301 -13.72 -32.51 26.34
CA VAL A 301 -13.65 -31.04 26.56
C VAL A 301 -15.05 -30.44 26.43
N GLY A 302 -16.05 -31.26 26.09
CA GLY A 302 -17.44 -30.77 26.05
C GLY A 302 -17.99 -30.56 24.66
N LEU A 303 -17.19 -30.82 23.62
CA LEU A 303 -17.65 -30.54 22.23
C LEU A 303 -18.52 -31.70 21.76
N PRO A 304 -19.26 -31.56 20.65
CA PRO A 304 -20.11 -32.65 20.17
C PRO A 304 -19.32 -33.88 19.69
N ASN A 305 -19.94 -35.05 19.78
CA ASN A 305 -19.59 -36.25 18.98
C ASN A 305 -19.73 -35.84 17.52
N MET A 306 -19.00 -36.54 16.67
CA MET A 306 -19.18 -36.51 15.20
C MET A 306 -20.64 -36.85 14.87
N THR A 307 -21.06 -36.58 13.64
CA THR A 307 -22.45 -36.80 13.19
C THR A 307 -22.61 -38.26 12.74
N GLN A 308 -23.86 -38.76 12.70
CA GLN A 308 -24.17 -40.00 11.94
C GLN A 308 -23.56 -39.89 10.54
N GLY A 309 -23.72 -38.75 9.84
CA GLY A 309 -23.28 -38.56 8.43
C GLY A 309 -21.76 -38.73 8.34
N PHE A 310 -21.06 -38.16 9.34
CA PHE A 310 -19.60 -38.30 9.51
C PHE A 310 -19.22 -39.79 9.42
N TRP A 311 -19.80 -40.64 10.27
CA TRP A 311 -19.45 -42.10 10.31
C TRP A 311 -20.01 -42.79 9.06
N GLU A 312 -21.10 -42.32 8.50
CA GLU A 312 -21.73 -43.05 7.38
C GLU A 312 -21.04 -42.68 6.07
N ASN A 313 -20.41 -41.52 5.96
CA ASN A 313 -20.00 -40.97 4.63
C ASN A 313 -18.49 -40.79 4.52
N SER A 314 -17.80 -40.69 5.65
CA SER A 314 -16.36 -40.45 5.65
C SER A 314 -15.69 -41.69 5.06
N MET A 315 -14.50 -41.54 4.47
CA MET A 315 -13.63 -42.63 3.95
C MET A 315 -12.34 -42.64 4.76
N LEU A 316 -12.25 -43.57 5.72
CA LEU A 316 -11.19 -43.56 6.76
C LEU A 316 -10.07 -44.57 6.44
N THR A 317 -10.24 -45.40 5.39
CA THR A 317 -9.18 -46.32 4.87
C THR A 317 -9.06 -46.17 3.35
N ASP A 318 -7.86 -46.42 2.82
CA ASP A 318 -7.57 -46.52 1.36
C ASP A 318 -8.56 -47.50 0.75
N PRO A 319 -9.41 -47.09 -0.23
CA PRO A 319 -10.44 -47.98 -0.79
C PRO A 319 -9.95 -49.22 -1.58
N GLY A 320 -8.66 -49.28 -1.94
CA GLY A 320 -8.08 -50.39 -2.74
C GLY A 320 -7.78 -49.92 -4.15
N ASN A 321 -8.06 -50.77 -5.15
CA ASN A 321 -7.84 -50.48 -6.61
C ASN A 321 -9.17 -50.51 -7.35
N VAL A 322 -10.19 -51.16 -6.79
CA VAL A 322 -11.55 -51.13 -7.40
C VAL A 322 -11.99 -49.66 -7.47
N GLN A 323 -11.66 -48.89 -6.43
CA GLN A 323 -11.98 -47.44 -6.41
C GLN A 323 -10.67 -46.66 -6.25
N LYS A 324 -10.48 -45.61 -7.04
CA LYS A 324 -9.23 -44.83 -6.99
C LYS A 324 -9.47 -43.51 -6.25
N ALA A 325 -8.66 -43.21 -5.24
CA ALA A 325 -8.89 -42.00 -4.42
C ALA A 325 -7.60 -41.18 -4.29
N VAL A 326 -7.71 -39.89 -3.98
CA VAL A 326 -6.52 -39.04 -3.73
C VAL A 326 -6.19 -39.14 -2.24
N CYS A 327 -5.07 -39.76 -1.88
CA CYS A 327 -4.75 -40.00 -0.44
C CYS A 327 -3.89 -38.86 0.13
N HIS A 328 -4.48 -37.68 0.32
CA HIS A 328 -4.02 -36.57 1.20
C HIS A 328 -5.01 -36.49 2.34
N PRO A 329 -4.60 -36.47 3.63
CA PRO A 329 -5.55 -36.33 4.73
C PRO A 329 -6.34 -35.04 4.51
N THR A 330 -7.67 -35.01 4.67
CA THR A 330 -8.44 -33.80 4.33
C THR A 330 -9.86 -33.89 4.93
N ALA A 331 -10.21 -32.87 5.73
CA ALA A 331 -11.51 -32.62 6.37
C ALA A 331 -12.41 -31.80 5.43
N TRP A 332 -13.66 -32.22 5.32
CA TRP A 332 -14.67 -31.61 4.41
C TRP A 332 -15.88 -31.11 5.20
N ASP A 333 -16.34 -29.91 4.82
CA ASP A 333 -17.57 -29.20 5.27
C ASP A 333 -18.38 -28.83 4.02
N LEU A 334 -19.30 -29.71 3.60
CA LEU A 334 -19.93 -29.74 2.25
C LEU A 334 -21.11 -28.78 2.22
N GLY A 335 -21.66 -28.44 3.39
CA GLY A 335 -22.93 -27.73 3.56
C GLY A 335 -24.01 -28.63 4.16
N LYS A 336 -25.16 -28.05 4.48
CA LYS A 336 -26.42 -28.79 4.76
C LYS A 336 -26.16 -29.94 5.74
N GLY A 337 -25.35 -29.73 6.78
CA GLY A 337 -25.22 -30.64 7.91
C GLY A 337 -24.21 -31.72 7.65
N ASP A 338 -23.50 -31.62 6.53
CA ASP A 338 -22.73 -32.76 5.97
C ASP A 338 -21.23 -32.55 6.16
N PHE A 339 -20.66 -33.28 7.10
CA PHE A 339 -19.23 -33.23 7.47
C PHE A 339 -18.61 -34.61 7.20
N ARG A 340 -17.33 -34.65 6.84
CA ARG A 340 -16.59 -35.88 6.41
C ARG A 340 -15.08 -35.71 6.56
N ILE A 341 -14.37 -36.81 6.74
CA ILE A 341 -12.88 -36.89 6.60
C ILE A 341 -12.54 -37.93 5.52
N LEU A 342 -11.61 -37.58 4.64
CA LEU A 342 -10.95 -38.43 3.63
C LEU A 342 -9.53 -38.64 4.10
N MET A 343 -9.16 -39.88 4.40
CA MET A 343 -7.84 -40.22 4.97
C MET A 343 -7.58 -41.73 4.72
N CYS A 344 -6.44 -42.03 4.10
CA CYS A 344 -5.93 -43.40 3.87
C CYS A 344 -5.12 -43.77 5.11
N THR A 345 -5.85 -43.98 6.21
CA THR A 345 -5.31 -44.09 7.59
C THR A 345 -4.51 -45.38 7.69
N LYS A 346 -3.35 -45.31 8.34
CA LYS A 346 -2.53 -46.50 8.61
C LYS A 346 -2.36 -46.56 10.14
N VAL A 347 -2.12 -47.74 10.70
CA VAL A 347 -2.04 -47.86 12.20
C VAL A 347 -0.68 -47.31 12.66
N THR A 348 -0.55 -45.99 12.75
CA THR A 348 0.72 -45.36 13.19
C THR A 348 0.43 -44.20 14.13
N MET A 349 1.40 -43.82 14.97
CA MET A 349 1.23 -42.66 15.88
C MET A 349 1.02 -41.40 15.03
N ASP A 350 1.78 -41.27 13.95
CA ASP A 350 1.66 -40.08 13.06
C ASP A 350 0.21 -39.95 12.59
N ASP A 351 -0.38 -41.03 12.07
CA ASP A 351 -1.77 -40.98 11.54
C ASP A 351 -2.76 -40.70 12.67
N PHE A 352 -2.53 -41.25 13.87
CA PHE A 352 -3.30 -41.01 15.12
C PHE A 352 -3.30 -39.51 15.41
N LEU A 353 -2.13 -38.88 15.39
CA LEU A 353 -2.03 -37.41 15.59
C LEU A 353 -2.77 -36.72 14.44
N THR A 354 -2.51 -37.12 13.20
CA THR A 354 -3.05 -36.47 11.96
C THR A 354 -4.58 -36.43 12.07
N ALA A 355 -5.21 -37.47 12.59
CA ALA A 355 -6.69 -37.58 12.77
C ALA A 355 -7.22 -36.51 13.72
N HIS A 356 -6.52 -36.21 14.83
CA HIS A 356 -6.95 -35.18 15.79
C HIS A 356 -6.91 -33.81 15.09
N HIS A 357 -5.84 -33.52 14.39
CA HIS A 357 -5.70 -32.29 13.55
C HIS A 357 -6.93 -32.20 12.63
N GLU A 358 -7.21 -33.23 11.83
CA GLU A 358 -8.25 -33.14 10.77
C GLU A 358 -9.63 -33.01 11.43
N MET A 359 -9.83 -33.67 12.59
CA MET A 359 -11.13 -33.66 13.28
C MET A 359 -11.29 -32.30 13.99
N GLY A 360 -10.19 -31.72 14.46
CA GLY A 360 -10.12 -30.28 14.80
C GLY A 360 -10.78 -29.42 13.75
N HIS A 361 -10.40 -29.56 12.48
CA HIS A 361 -11.00 -28.76 11.36
C HIS A 361 -12.51 -29.01 11.41
N ILE A 362 -12.90 -30.26 11.61
CA ILE A 362 -14.36 -30.62 11.57
C ILE A 362 -15.06 -29.95 12.76
N GLN A 363 -14.48 -29.95 13.96
CA GLN A 363 -15.06 -29.25 15.13
C GLN A 363 -15.29 -27.78 14.77
N TYR A 364 -14.29 -27.13 14.18
CA TYR A 364 -14.37 -25.72 13.77
C TYR A 364 -15.56 -25.60 12.81
N ASP A 365 -15.62 -26.43 11.78
CA ASP A 365 -16.67 -26.25 10.73
C ASP A 365 -18.05 -26.35 11.39
N MET A 366 -18.22 -27.32 12.29
CA MET A 366 -19.52 -27.63 12.96
C MET A 366 -19.90 -26.44 13.85
N ALA A 367 -19.00 -25.94 14.68
CA ALA A 367 -19.27 -24.75 15.53
C ALA A 367 -19.76 -23.55 14.67
N TYR A 368 -19.05 -23.16 13.61
CA TYR A 368 -19.43 -21.95 12.85
C TYR A 368 -20.51 -22.24 11.79
N ALA A 369 -21.14 -23.41 11.83
CA ALA A 369 -22.41 -23.67 11.10
C ALA A 369 -23.48 -22.74 11.64
N ALA A 370 -23.37 -22.29 12.90
CA ALA A 370 -24.24 -21.27 13.55
C ALA A 370 -24.15 -19.90 12.86
N GLN A 371 -23.21 -19.65 11.96
CA GLN A 371 -23.13 -18.36 11.23
C GLN A 371 -23.77 -18.46 9.85
N PRO A 372 -24.22 -17.32 9.31
CA PRO A 372 -24.64 -17.26 7.93
C PRO A 372 -23.52 -17.71 7.01
N PHE A 373 -23.91 -18.21 5.83
CA PHE A 373 -23.03 -18.82 4.79
C PHE A 373 -21.68 -18.10 4.61
N LEU A 374 -21.66 -16.81 4.26
CA LEU A 374 -20.40 -16.14 3.85
C LEU A 374 -19.46 -15.95 5.07
N LEU A 375 -19.92 -16.20 6.30
CA LEU A 375 -19.09 -16.09 7.54
C LEU A 375 -18.71 -17.47 8.10
N ARG A 376 -19.07 -18.54 7.39
CA ARG A 376 -18.64 -19.94 7.71
C ARG A 376 -17.17 -20.07 7.23
N ASN A 377 -16.25 -19.43 7.96
CA ASN A 377 -14.83 -19.19 7.60
C ASN A 377 -14.09 -18.96 8.91
N GLY A 378 -12.83 -19.38 9.06
CA GLY A 378 -12.05 -19.12 10.29
C GLY A 378 -11.70 -17.65 10.35
N ALA A 379 -11.42 -17.10 11.53
CA ALA A 379 -11.36 -15.63 11.72
C ALA A 379 -10.34 -15.01 10.74
N ASN A 380 -9.19 -15.66 10.51
CA ASN A 380 -8.30 -15.39 9.36
C ASN A 380 -7.72 -16.71 8.87
N GLU A 381 -6.98 -16.69 7.77
CA GLU A 381 -6.39 -17.93 7.15
C GLU A 381 -5.47 -18.66 8.14
N GLY A 382 -5.03 -18.05 9.25
CA GLY A 382 -4.12 -18.71 10.20
C GLY A 382 -4.85 -19.62 11.21
N PHE A 383 -6.15 -19.44 11.38
CA PHE A 383 -6.90 -19.96 12.54
C PHE A 383 -7.10 -21.47 12.38
N HIS A 384 -7.60 -21.89 11.22
CA HIS A 384 -7.91 -23.34 11.04
C HIS A 384 -6.68 -24.18 11.36
N GLU A 385 -5.55 -23.86 10.74
CA GLU A 385 -4.30 -24.63 10.94
C GLU A 385 -4.02 -24.71 12.45
N ALA A 386 -4.13 -23.58 13.15
CA ALA A 386 -3.77 -23.46 14.58
C ALA A 386 -4.72 -24.33 15.42
N VAL A 387 -6.00 -24.33 15.06
CA VAL A 387 -7.01 -25.16 15.77
C VAL A 387 -6.65 -26.62 15.58
N GLY A 388 -6.41 -27.05 14.34
CA GLY A 388 -5.79 -28.37 14.09
C GLY A 388 -4.62 -28.66 15.03
N GLU A 389 -3.60 -27.82 15.06
CA GLU A 389 -2.30 -28.21 15.68
C GLU A 389 -2.41 -28.37 17.20
N ILE A 390 -3.29 -27.65 17.90
CA ILE A 390 -3.30 -27.68 19.40
C ILE A 390 -3.84 -29.04 19.84
N MET A 391 -4.64 -29.64 18.97
CA MET A 391 -5.22 -30.99 19.15
C MET A 391 -4.07 -31.98 19.23
N SER A 392 -3.20 -32.02 18.22
CA SER A 392 -2.08 -32.99 18.16
C SER A 392 -1.11 -32.63 19.28
N LEU A 393 -1.03 -31.36 19.64
CA LEU A 393 -0.21 -30.91 20.80
C LEU A 393 -0.62 -31.69 22.05
N SER A 394 -1.92 -31.69 22.39
CA SER A 394 -2.42 -32.38 23.61
C SER A 394 -2.34 -33.90 23.41
N ALA A 395 -2.64 -34.42 22.23
CA ALA A 395 -2.77 -35.88 22.00
C ALA A 395 -1.39 -36.56 22.05
N ALA A 396 -0.33 -35.89 21.62
CA ALA A 396 1.02 -36.47 21.50
C ALA A 396 1.65 -36.60 22.89
N THR A 397 1.10 -35.96 23.93
CA THR A 397 1.75 -35.87 25.27
C THR A 397 1.78 -37.24 25.94
N PRO A 398 2.86 -37.60 26.65
CA PRO A 398 2.86 -38.81 27.49
C PRO A 398 1.59 -38.94 28.36
N LYS A 399 1.22 -37.85 29.00
CA LYS A 399 0.00 -37.86 29.87
C LYS A 399 -1.18 -38.45 29.09
N HIS A 400 -1.45 -37.94 27.88
CA HIS A 400 -2.62 -38.40 27.09
C HIS A 400 -2.45 -39.87 26.66
N LEU A 401 -1.25 -40.24 26.22
CA LEU A 401 -1.01 -41.63 25.74
C LEU A 401 -1.21 -42.60 26.90
N LYS A 402 -0.64 -42.29 28.07
CA LYS A 402 -0.90 -43.15 29.27
C LYS A 402 -2.41 -43.27 29.50
N SER A 403 -3.17 -42.18 29.37
CA SER A 403 -4.63 -42.17 29.65
C SER A 403 -5.40 -43.05 28.64
N ILE A 404 -4.96 -43.17 27.38
CA ILE A 404 -5.72 -44.00 26.38
C ILE A 404 -5.06 -45.37 26.19
N GLY A 405 -4.09 -45.73 27.04
CA GLY A 405 -3.48 -47.09 27.12
C GLY A 405 -2.37 -47.37 26.11
N LEU A 406 -1.96 -46.39 25.28
CA LEU A 406 -0.89 -46.54 24.27
C LEU A 406 0.50 -46.47 24.94
N LEU A 407 0.54 -45.96 26.17
CA LEU A 407 1.77 -45.89 26.99
C LEU A 407 1.46 -46.56 28.32
N SER A 408 2.38 -47.39 28.81
CA SER A 408 2.23 -48.14 30.08
C SER A 408 1.96 -47.15 31.21
N PRO A 409 1.01 -47.44 32.14
CA PRO A 409 0.80 -46.60 33.31
C PRO A 409 2.07 -46.04 33.97
N ASP A 410 3.17 -46.81 33.91
CA ASP A 410 4.40 -46.39 34.64
C ASP A 410 5.49 -45.91 33.67
N PHE A 411 5.12 -45.22 32.59
CA PHE A 411 6.16 -44.64 31.70
C PHE A 411 6.92 -43.58 32.50
N GLN A 412 8.25 -43.57 32.38
CA GLN A 412 9.07 -42.61 33.17
C GLN A 412 9.58 -41.49 32.27
N GLU A 413 8.98 -40.29 32.39
CA GLU A 413 9.40 -39.14 31.57
C GLU A 413 10.56 -38.44 32.29
N ASP A 414 11.74 -38.44 31.68
CA ASP A 414 12.91 -37.75 32.30
C ASP A 414 13.31 -36.57 31.41
N ASN A 415 14.30 -35.81 31.85
CA ASN A 415 14.77 -34.64 31.06
C ASN A 415 15.17 -35.11 29.67
N GLU A 416 15.86 -36.24 29.57
CA GLU A 416 16.34 -36.72 28.26
C GLU A 416 15.15 -36.90 27.32
N THR A 417 14.07 -37.52 27.81
CA THR A 417 12.86 -37.74 26.98
C THR A 417 12.27 -36.39 26.56
N GLU A 418 12.20 -35.44 27.49
CA GLU A 418 11.60 -34.11 27.19
C GLU A 418 12.47 -33.37 26.17
N ILE A 419 13.79 -33.36 26.39
CA ILE A 419 14.72 -32.65 25.47
C ILE A 419 14.63 -33.31 24.09
N ASN A 420 14.50 -34.64 24.06
CA ASN A 420 14.32 -35.34 22.76
C ASN A 420 13.00 -34.89 22.13
N PHE A 421 11.93 -34.87 22.93
CA PHE A 421 10.61 -34.42 22.44
C PHE A 421 10.72 -32.99 21.89
N LEU A 422 11.39 -32.10 22.62
CA LEU A 422 11.37 -30.66 22.30
C LEU A 422 12.22 -30.44 21.05
N LEU A 423 13.31 -31.20 20.90
CA LEU A 423 14.26 -31.06 19.77
C LEU A 423 13.52 -31.48 18.50
N LYS A 424 12.81 -32.60 18.56
CA LYS A 424 11.93 -33.05 17.46
C LYS A 424 10.92 -31.95 17.13
N GLN A 425 10.25 -31.38 18.13
CA GLN A 425 9.16 -30.42 17.84
C GLN A 425 9.79 -29.20 17.16
N ALA A 426 10.96 -28.78 17.65
CA ALA A 426 11.72 -27.59 17.20
C ALA A 426 12.11 -27.75 15.73
N LEU A 427 12.64 -28.91 15.35
CA LEU A 427 13.09 -29.20 13.96
C LEU A 427 11.93 -28.94 13.02
N THR A 428 10.72 -29.29 13.46
CA THR A 428 9.49 -29.20 12.63
C THR A 428 8.96 -27.77 12.67
N ILE A 429 8.92 -27.17 13.85
CA ILE A 429 8.09 -25.97 14.11
C ILE A 429 8.97 -24.73 14.00
N VAL A 430 10.05 -24.63 14.78
CA VAL A 430 10.88 -23.39 14.70
C VAL A 430 11.71 -23.46 13.42
N GLY A 431 12.13 -24.64 12.96
CA GLY A 431 12.79 -24.75 11.63
C GLY A 431 12.03 -23.99 10.55
N THR A 432 10.69 -24.17 10.46
CA THR A 432 9.88 -23.74 9.29
C THR A 432 9.64 -22.23 9.32
N LEU A 433 9.83 -21.60 10.48
CA LEU A 433 9.52 -20.16 10.69
C LEU A 433 10.43 -19.29 9.80
N PRO A 434 11.78 -19.36 9.94
CA PRO A 434 12.65 -18.56 9.09
C PRO A 434 12.38 -18.87 7.60
N PHE A 435 12.25 -20.14 7.27
CA PHE A 435 11.90 -20.55 5.90
C PHE A 435 10.65 -19.79 5.48
N THR A 436 9.62 -19.78 6.35
CA THR A 436 8.25 -19.35 5.98
C THR A 436 8.24 -17.83 5.80
N TYR A 437 8.85 -17.11 6.76
CA TYR A 437 9.07 -15.66 6.74
C TYR A 437 9.77 -15.26 5.43
N MET A 438 10.99 -15.77 5.26
CA MET A 438 11.82 -15.39 4.08
C MET A 438 11.04 -15.67 2.79
N LEU A 439 10.48 -16.87 2.64
CA LEU A 439 9.79 -17.19 1.38
C LEU A 439 8.74 -16.11 1.12
N GLU A 440 7.88 -15.77 2.09
CA GLU A 440 6.82 -14.74 1.84
C GLU A 440 7.49 -13.36 1.64
N LYS A 441 8.57 -13.09 2.37
CA LYS A 441 9.28 -11.79 2.26
C LYS A 441 9.65 -11.58 0.79
N TRP A 442 10.19 -12.60 0.18
CA TRP A 442 10.69 -12.52 -1.21
C TRP A 442 9.52 -12.24 -2.13
N ARG A 443 8.39 -12.90 -1.93
CA ARG A 443 7.21 -12.65 -2.81
C ARG A 443 6.63 -11.25 -2.55
N TRP A 444 6.54 -10.83 -1.30
CA TRP A 444 6.08 -9.46 -0.95
C TRP A 444 6.89 -8.48 -1.77
N MET A 445 8.21 -8.71 -1.84
CA MET A 445 9.17 -7.81 -2.52
C MET A 445 9.04 -7.93 -4.06
N VAL A 446 8.91 -9.14 -4.58
CA VAL A 446 8.70 -9.31 -6.04
C VAL A 446 7.49 -8.47 -6.43
N PHE A 447 6.35 -8.74 -5.80
CA PHE A 447 5.05 -8.12 -6.14
C PHE A 447 5.13 -6.61 -5.93
N LYS A 448 5.78 -6.17 -4.85
CA LYS A 448 5.95 -4.74 -4.47
C LYS A 448 6.72 -4.01 -5.59
N GLY A 449 7.69 -4.70 -6.20
CA GLY A 449 8.54 -4.20 -7.30
C GLY A 449 9.93 -3.83 -6.79
N GLU A 450 10.33 -4.29 -5.60
CA GLU A 450 11.67 -4.02 -5.01
C GLU A 450 12.74 -4.95 -5.59
N ILE A 451 12.36 -6.04 -6.23
CA ILE A 451 13.31 -7.04 -6.77
C ILE A 451 13.05 -7.10 -8.26
N PRO A 452 14.02 -6.67 -9.11
CA PRO A 452 13.86 -6.74 -10.55
C PRO A 452 13.99 -8.19 -11.01
N LYS A 453 13.32 -8.54 -12.10
CA LYS A 453 13.36 -9.94 -12.60
C LYS A 453 14.81 -10.36 -12.79
N ASP A 454 15.70 -9.41 -13.09
CA ASP A 454 17.13 -9.72 -13.36
C ASP A 454 17.85 -10.07 -12.05
N GLN A 455 17.18 -9.91 -10.90
CA GLN A 455 17.84 -10.17 -9.60
C GLN A 455 16.97 -11.06 -8.72
N TRP A 456 15.97 -11.73 -9.32
CA TRP A 456 15.04 -12.59 -8.55
C TRP A 456 15.84 -13.66 -7.78
N MET A 457 16.59 -14.49 -8.51
CA MET A 457 17.32 -15.62 -7.86
C MET A 457 18.49 -15.08 -7.03
N LYS A 458 19.09 -13.97 -7.45
CA LYS A 458 20.21 -13.37 -6.69
C LYS A 458 19.73 -12.99 -5.29
N LYS A 459 18.53 -12.39 -5.20
CA LYS A 459 18.01 -11.94 -3.89
C LYS A 459 17.42 -13.15 -3.16
N TRP A 460 16.74 -14.05 -3.89
CA TRP A 460 16.19 -15.27 -3.26
C TRP A 460 17.27 -15.91 -2.37
N TRP A 461 18.42 -16.24 -2.97
CA TRP A 461 19.49 -16.94 -2.21
C TRP A 461 20.19 -16.00 -1.23
N GLU A 462 20.27 -14.71 -1.54
CA GLU A 462 20.86 -13.75 -0.56
C GLU A 462 20.01 -13.77 0.71
N MET A 463 18.69 -13.77 0.56
CA MET A 463 17.77 -13.77 1.73
C MET A 463 17.85 -15.13 2.43
N LYS A 464 17.94 -16.21 1.66
CA LYS A 464 18.08 -17.57 2.25
C LYS A 464 19.32 -17.60 3.15
N ARG A 465 20.42 -17.01 2.70
CA ARG A 465 21.69 -17.04 3.47
C ARG A 465 21.59 -16.12 4.69
N GLU A 466 21.02 -14.93 4.51
CA GLU A 466 20.97 -13.93 5.63
C GLU A 466 19.91 -14.32 6.67
N ILE A 467 18.71 -14.71 6.24
CA ILE A 467 17.62 -14.98 7.21
C ILE A 467 17.59 -16.45 7.59
N VAL A 468 17.54 -17.36 6.60
CA VAL A 468 17.38 -18.81 6.91
C VAL A 468 18.74 -19.43 7.30
N GLY A 469 19.85 -18.78 6.93
CA GLY A 469 21.17 -19.38 7.21
C GLY A 469 21.35 -20.65 6.41
N VAL A 470 20.80 -20.68 5.18
CA VAL A 470 20.91 -21.87 4.31
C VAL A 470 21.49 -21.42 2.96
N VAL A 471 22.42 -22.19 2.39
CA VAL A 471 23.10 -21.77 1.12
C VAL A 471 22.85 -22.81 0.02
N GLU A 472 22.81 -22.36 -1.23
CA GLU A 472 22.64 -23.31 -2.37
C GLU A 472 23.96 -24.06 -2.61
N PRO A 473 23.92 -25.34 -3.01
CA PRO A 473 25.14 -26.13 -3.24
C PRO A 473 25.79 -25.78 -4.59
N VAL A 474 25.00 -25.34 -5.56
CA VAL A 474 25.52 -24.88 -6.88
C VAL A 474 24.91 -23.53 -7.27
N PRO A 475 25.64 -22.68 -8.03
CA PRO A 475 25.17 -21.33 -8.31
C PRO A 475 23.94 -21.34 -9.24
N HIS A 476 23.00 -20.42 -9.02
CA HIS A 476 21.74 -20.41 -9.82
C HIS A 476 21.58 -19.05 -10.51
N ASP A 477 21.44 -19.06 -11.83
CA ASP A 477 21.26 -17.79 -12.60
C ASP A 477 19.78 -17.45 -12.66
N GLU A 478 19.42 -16.41 -13.42
CA GLU A 478 18.01 -15.95 -13.49
C GLU A 478 17.22 -16.86 -14.45
N THR A 479 17.79 -18.01 -14.82
CA THR A 479 17.04 -18.97 -15.66
C THR A 479 16.21 -19.88 -14.75
N TYR A 480 16.43 -19.78 -13.43
CA TYR A 480 15.73 -20.65 -12.47
C TYR A 480 14.58 -19.93 -11.77
N CYS A 481 13.62 -20.68 -11.23
CA CYS A 481 12.53 -20.10 -10.41
C CYS A 481 12.43 -21.04 -9.21
N ASP A 482 13.44 -21.04 -8.35
CA ASP A 482 13.53 -22.02 -7.24
C ASP A 482 12.29 -21.91 -6.35
N PRO A 483 11.77 -20.70 -6.07
CA PRO A 483 10.54 -20.57 -5.28
C PRO A 483 9.39 -21.38 -5.88
N ALA A 484 9.10 -21.23 -7.18
CA ALA A 484 8.02 -21.95 -7.89
C ALA A 484 8.18 -23.47 -7.78
N SER A 485 9.36 -23.95 -7.39
CA SER A 485 9.63 -25.39 -7.14
C SER A 485 8.88 -25.90 -5.90
N LEU A 486 8.20 -25.02 -5.14
CA LEU A 486 7.34 -25.36 -3.99
C LEU A 486 5.86 -25.22 -4.38
N PHE A 487 5.02 -26.16 -3.91
CA PHE A 487 3.59 -26.29 -4.31
C PHE A 487 2.87 -24.94 -4.16
N HIS A 488 3.08 -24.29 -3.00
CA HIS A 488 2.33 -23.07 -2.60
C HIS A 488 2.67 -21.95 -3.57
N VAL A 489 3.91 -21.85 -4.01
CA VAL A 489 4.32 -20.77 -4.98
C VAL A 489 3.72 -21.01 -6.38
N SER A 490 3.87 -22.21 -6.95
CA SER A 490 3.39 -22.54 -8.32
C SER A 490 1.86 -22.64 -8.34
N ASN A 491 1.21 -22.92 -7.19
CA ASN A 491 -0.28 -23.02 -7.13
C ASN A 491 -0.94 -21.80 -6.45
N ASP A 492 -0.24 -20.67 -6.28
CA ASP A 492 -0.87 -19.36 -5.96
C ASP A 492 -1.62 -19.42 -4.61
N TYR A 493 -0.95 -19.90 -3.56
CA TYR A 493 -1.47 -19.91 -2.17
C TYR A 493 -0.55 -19.04 -1.30
N SER A 494 -1.11 -18.14 -0.49
CA SER A 494 -0.30 -17.34 0.47
C SER A 494 0.37 -18.31 1.44
N PHE A 495 1.50 -17.91 2.02
CA PHE A 495 2.40 -18.75 2.83
C PHE A 495 2.62 -18.18 4.24
N ILE A 496 2.24 -16.92 4.52
CA ILE A 496 2.51 -16.36 5.87
C ILE A 496 1.58 -17.03 6.91
N ARG A 497 0.44 -17.58 6.46
CA ARG A 497 -0.50 -18.41 7.27
C ARG A 497 0.23 -19.48 8.10
N TYR A 498 1.38 -20.01 7.65
CA TYR A 498 2.12 -21.06 8.39
C TYR A 498 2.95 -20.37 9.48
N TYR A 499 3.29 -19.07 9.30
CA TYR A 499 3.93 -18.25 10.35
C TYR A 499 2.89 -17.92 11.41
N THR A 500 1.73 -17.37 11.00
CA THR A 500 0.73 -16.80 11.94
C THR A 500 0.16 -17.99 12.74
N ARG A 501 -0.26 -19.06 12.07
CA ARG A 501 -0.88 -20.22 12.79
C ARG A 501 0.09 -20.73 13.86
N THR A 502 1.40 -20.63 13.63
CA THR A 502 2.41 -21.17 14.56
C THR A 502 2.42 -20.32 15.84
N LEU A 503 2.32 -19.00 15.74
CA LEU A 503 2.23 -18.16 16.95
C LEU A 503 0.84 -18.33 17.59
N TYR A 504 -0.22 -18.36 16.78
CA TYR A 504 -1.60 -18.49 17.32
C TYR A 504 -1.72 -19.81 18.09
N GLN A 505 -1.04 -20.89 17.67
CA GLN A 505 -1.29 -22.22 18.26
C GLN A 505 -0.77 -22.24 19.71
N PHE A 506 0.37 -21.62 20.00
CA PHE A 506 0.99 -21.70 21.34
C PHE A 506 0.28 -20.70 22.23
N GLN A 507 -0.32 -19.67 21.65
CA GLN A 507 -1.14 -18.71 22.43
C GLN A 507 -2.39 -19.41 22.90
N PHE A 508 -3.07 -20.10 21.95
CA PHE A 508 -4.23 -20.98 22.18
C PHE A 508 -3.88 -22.02 23.26
N GLN A 509 -2.82 -22.79 23.04
CA GLN A 509 -2.45 -23.90 23.95
C GLN A 509 -2.32 -23.32 25.38
N GLU A 510 -1.53 -22.29 25.55
CA GLU A 510 -1.23 -21.68 26.88
C GLU A 510 -2.54 -21.26 27.55
N ALA A 511 -3.36 -20.45 26.89
CA ALA A 511 -4.70 -20.05 27.40
C ALA A 511 -5.53 -21.29 27.77
N LEU A 512 -5.59 -22.32 26.92
CA LEU A 512 -6.47 -23.49 27.18
C LEU A 512 -5.89 -24.33 28.34
N CYS A 513 -4.56 -24.35 28.47
CA CYS A 513 -3.84 -25.08 29.54
C CYS A 513 -3.98 -24.31 30.86
N GLN A 514 -4.18 -23.01 30.82
CA GLN A 514 -4.52 -22.20 32.02
C GLN A 514 -5.95 -22.57 32.45
N ALA A 515 -6.92 -22.52 31.54
CA ALA A 515 -8.33 -22.88 31.83
C ALA A 515 -8.40 -24.30 32.40
N ALA A 516 -7.53 -25.19 31.91
CA ALA A 516 -7.55 -26.60 32.35
C ALA A 516 -6.69 -26.79 33.61
N LYS A 517 -6.15 -25.69 34.15
CA LYS A 517 -5.38 -25.77 35.41
C LYS A 517 -4.18 -26.70 35.23
N HIS A 518 -3.46 -26.59 34.10
CA HIS A 518 -2.24 -27.40 33.89
C HIS A 518 -1.19 -27.00 34.94
N GLU A 519 -0.21 -27.86 35.20
CA GLU A 519 0.75 -27.59 36.31
C GLU A 519 2.06 -26.99 35.79
N GLY A 520 3.00 -27.82 35.34
CA GLY A 520 4.34 -27.30 34.99
C GLY A 520 4.57 -27.06 33.51
N PRO A 521 5.69 -27.56 32.93
CA PRO A 521 6.05 -27.27 31.54
C PRO A 521 4.85 -27.27 30.57
N LEU A 522 4.69 -26.17 29.81
CA LEU A 522 3.60 -26.10 28.81
C LEU A 522 3.58 -27.36 27.92
N HIS A 523 4.74 -27.85 27.49
CA HIS A 523 4.83 -28.97 26.51
C HIS A 523 4.18 -30.27 27.03
N LYS A 524 3.93 -30.40 28.34
CA LYS A 524 3.41 -31.64 28.97
C LYS A 524 1.87 -31.62 29.05
N CYS A 525 1.27 -30.45 28.81
CA CYS A 525 -0.20 -30.22 28.98
C CYS A 525 -1.11 -31.04 28.07
N ASP A 526 -2.24 -31.50 28.61
CA ASP A 526 -3.27 -32.23 27.83
C ASP A 526 -4.62 -31.65 28.24
N ILE A 527 -5.28 -30.89 27.35
CA ILE A 527 -6.55 -30.20 27.71
C ILE A 527 -7.67 -31.24 27.91
N SER A 528 -7.36 -32.52 27.69
CA SER A 528 -8.38 -33.59 27.79
C SER A 528 -9.11 -33.54 29.14
N ASN A 529 -10.44 -33.59 29.14
CA ASN A 529 -11.25 -33.64 30.40
C ASN A 529 -11.53 -32.23 30.94
N SER A 530 -10.99 -31.20 30.30
CA SER A 530 -11.30 -29.80 30.73
C SER A 530 -12.48 -29.26 29.93
N THR A 531 -13.69 -29.34 30.49
CA THR A 531 -14.88 -28.74 29.82
C THR A 531 -14.71 -27.23 29.81
N GLU A 532 -13.97 -26.70 30.79
CA GLU A 532 -13.72 -25.24 30.85
C GLU A 532 -12.89 -24.85 29.63
N ALA A 533 -11.84 -25.61 29.33
CA ALA A 533 -10.99 -25.32 28.15
C ALA A 533 -11.82 -25.43 26.88
N GLY A 534 -12.69 -26.45 26.79
CA GLY A 534 -13.45 -26.63 25.55
C GLY A 534 -14.40 -25.47 25.33
N GLN A 535 -14.97 -24.95 26.41
CA GLN A 535 -15.97 -23.85 26.34
C GLN A 535 -15.25 -22.66 25.71
N LYS A 536 -14.09 -22.32 26.27
CA LYS A 536 -13.24 -21.17 25.87
C LYS A 536 -12.95 -21.28 24.37
N LEU A 537 -12.61 -22.49 23.91
CA LEU A 537 -12.41 -22.74 22.46
C LEU A 537 -13.74 -22.55 21.77
N PHE A 538 -14.74 -23.34 22.16
CA PHE A 538 -16.06 -23.35 21.46
C PHE A 538 -16.45 -21.92 21.09
N ASN A 539 -16.26 -20.98 22.01
CA ASN A 539 -16.86 -19.63 21.94
C ASN A 539 -16.24 -18.87 20.78
N MET A 540 -14.94 -19.07 20.52
CA MET A 540 -14.22 -18.50 19.36
C MET A 540 -14.64 -19.26 18.08
N LEU A 541 -14.61 -20.58 18.15
CA LEU A 541 -14.94 -21.48 17.01
C LEU A 541 -16.26 -21.06 16.36
N ARG A 542 -17.33 -20.91 17.16
CA ARG A 542 -18.68 -20.63 16.61
C ARG A 542 -18.69 -19.22 15.97
N LEU A 543 -17.72 -18.37 16.30
CA LEU A 543 -17.75 -16.97 15.78
C LEU A 543 -17.48 -16.96 14.27
N GLY A 544 -16.76 -17.96 13.75
CA GLY A 544 -16.38 -17.97 12.34
C GLY A 544 -15.65 -16.70 11.97
N LYS A 545 -16.14 -16.05 10.91
CA LYS A 545 -15.59 -14.79 10.37
C LYS A 545 -16.65 -13.70 10.55
N SER A 546 -17.40 -13.76 11.67
CA SER A 546 -18.43 -12.77 12.11
C SER A 546 -17.78 -11.60 12.87
N GLU A 547 -16.70 -11.85 13.61
CA GLU A 547 -15.93 -10.83 14.36
C GLU A 547 -14.53 -10.65 13.77
N PRO A 548 -13.86 -9.51 14.03
CA PRO A 548 -12.44 -9.34 13.71
C PRO A 548 -11.55 -10.42 14.34
N TRP A 549 -10.50 -10.84 13.64
CA TRP A 549 -9.65 -11.92 14.18
C TRP A 549 -9.00 -11.41 15.47
N THR A 550 -8.88 -10.10 15.61
CA THR A 550 -8.26 -9.45 16.79
C THR A 550 -9.12 -9.72 18.02
N LEU A 551 -10.45 -9.63 17.88
CA LEU A 551 -11.43 -9.95 18.96
C LEU A 551 -11.38 -11.45 19.26
N ALA A 552 -11.60 -12.29 18.24
CA ALA A 552 -11.63 -13.78 18.28
C ALA A 552 -10.45 -14.29 19.11
N LEU A 553 -9.28 -13.77 18.79
CA LEU A 553 -8.05 -14.17 19.51
C LEU A 553 -8.21 -13.71 20.97
N GLU A 554 -8.65 -12.46 21.18
CA GLU A 554 -8.75 -11.80 22.51
C GLU A 554 -9.68 -12.61 23.42
N ASN A 555 -10.80 -13.10 22.88
CA ASN A 555 -11.77 -13.96 23.62
C ASN A 555 -11.04 -15.14 24.25
N VAL A 556 -10.22 -15.83 23.47
CA VAL A 556 -9.59 -17.09 23.95
C VAL A 556 -8.38 -16.71 24.80
N VAL A 557 -7.51 -15.78 24.38
CA VAL A 557 -6.17 -15.65 25.03
C VAL A 557 -6.05 -14.40 25.90
N GLY A 558 -6.93 -13.41 25.76
CA GLY A 558 -6.84 -12.12 26.46
C GLY A 558 -5.86 -11.11 25.83
N ALA A 559 -5.60 -11.17 24.51
CA ALA A 559 -4.74 -10.19 23.79
C ALA A 559 -5.18 -10.07 22.32
N LYS A 560 -4.96 -8.92 21.71
CA LYS A 560 -5.53 -8.53 20.40
C LYS A 560 -4.53 -8.79 19.27
N ASN A 561 -3.37 -9.39 19.54
CA ASN A 561 -2.36 -9.57 18.45
C ASN A 561 -1.51 -10.83 18.67
N MET A 562 -0.92 -11.31 17.58
CA MET A 562 0.00 -12.47 17.67
C MET A 562 1.16 -12.08 18.57
N ASN A 563 1.57 -13.00 19.40
CA ASN A 563 2.59 -12.80 20.44
C ASN A 563 3.43 -14.06 20.47
N VAL A 564 4.73 -13.87 20.61
CA VAL A 564 5.76 -14.91 20.43
C VAL A 564 6.12 -15.52 21.79
N ARG A 565 5.70 -14.94 22.89
CA ARG A 565 6.19 -15.36 24.24
C ARG A 565 5.71 -16.79 24.54
N PRO A 566 4.42 -17.16 24.31
CA PRO A 566 3.95 -18.53 24.54
C PRO A 566 4.74 -19.58 23.76
N LEU A 567 5.09 -19.30 22.49
CA LEU A 567 5.99 -20.14 21.66
C LEU A 567 7.37 -20.28 22.32
N LEU A 568 8.03 -19.15 22.65
CA LEU A 568 9.39 -19.20 23.27
C LEU A 568 9.27 -19.94 24.60
N ASN A 569 8.11 -19.84 25.21
CA ASN A 569 7.83 -20.41 26.55
C ASN A 569 7.82 -21.95 26.41
N TYR A 570 7.22 -22.44 25.33
CA TYR A 570 7.07 -23.89 25.02
C TYR A 570 8.45 -24.51 24.92
N PHE A 571 9.40 -23.82 24.29
CA PHE A 571 10.73 -24.40 24.00
C PHE A 571 11.83 -23.86 24.92
N GLU A 572 11.47 -23.21 26.02
CA GLU A 572 12.52 -22.59 26.89
C GLU A 572 13.49 -23.67 27.39
N PRO A 573 13.02 -24.85 27.88
CA PRO A 573 13.92 -25.91 28.31
C PRO A 573 14.94 -26.30 27.23
N LEU A 574 14.49 -26.46 25.98
CA LEU A 574 15.41 -26.81 24.87
C LEU A 574 16.41 -25.67 24.62
N PHE A 575 15.93 -24.42 24.65
CA PHE A 575 16.82 -23.26 24.38
C PHE A 575 17.98 -23.26 25.37
N THR A 576 17.67 -23.45 26.65
CA THR A 576 18.73 -23.48 27.69
C THR A 576 19.72 -24.61 27.37
N TRP A 577 19.20 -25.81 27.08
CA TRP A 577 20.07 -26.98 26.80
C TRP A 577 20.86 -26.75 25.51
N LEU A 578 20.20 -26.22 24.48
CA LEU A 578 20.87 -25.99 23.17
C LEU A 578 22.04 -25.01 23.37
N LYS A 579 21.86 -24.01 24.22
CA LYS A 579 22.92 -22.99 24.45
C LYS A 579 24.13 -23.64 25.14
N ASP A 580 23.88 -24.55 26.09
CA ASP A 580 24.98 -25.26 26.79
C ASP A 580 25.72 -26.18 25.81
N GLN A 581 24.97 -26.90 24.97
CA GLN A 581 25.60 -27.82 23.98
C GLN A 581 26.43 -27.01 22.99
N ASN A 582 26.06 -25.75 22.77
CA ASN A 582 26.78 -24.87 21.80
C ASN A 582 27.84 -24.00 22.48
N LYS A 583 28.11 -24.19 23.77
CA LYS A 583 29.02 -23.28 24.52
C LYS A 583 30.40 -23.25 23.82
N ASN A 584 30.74 -24.24 23.00
CA ASN A 584 32.03 -24.31 22.26
C ASN A 584 31.83 -24.20 20.74
N SER A 585 30.59 -24.38 20.25
CA SER A 585 30.21 -24.20 18.82
C SER A 585 30.20 -22.71 18.48
N PHE A 586 30.49 -22.38 17.23
CA PHE A 586 30.24 -21.04 16.64
C PHE A 586 28.73 -20.94 16.43
N VAL A 587 28.11 -19.89 16.98
CA VAL A 587 26.66 -19.53 16.82
C VAL A 587 26.55 -18.34 15.84
N GLY A 588 25.89 -18.57 14.70
CA GLY A 588 25.83 -17.54 13.65
C GLY A 588 26.35 -18.14 12.36
N TRP A 589 26.26 -17.41 11.24
CA TRP A 589 26.68 -18.03 9.96
C TRP A 589 27.20 -17.01 8.95
N SER A 590 28.19 -17.39 8.15
CA SER A 590 28.66 -16.50 7.06
C SER A 590 27.58 -16.43 5.99
N THR A 591 27.42 -15.27 5.36
CA THR A 591 26.43 -15.14 4.25
C THR A 591 27.15 -15.34 2.91
N ASP A 592 28.45 -15.60 2.96
CA ASP A 592 29.25 -15.71 1.70
C ASP A 592 29.67 -17.17 1.47
N TRP A 593 30.10 -17.87 2.54
CA TRP A 593 30.61 -19.25 2.35
C TRP A 593 29.65 -20.06 1.51
N SER A 594 30.17 -20.83 0.55
CA SER A 594 29.32 -21.67 -0.32
C SER A 594 29.96 -23.04 -0.47
N PRO A 595 29.19 -24.12 -0.66
CA PRO A 595 29.78 -25.44 -0.92
C PRO A 595 30.57 -25.35 -2.23
N TYR A 596 30.21 -24.41 -3.10
CA TYR A 596 30.88 -24.27 -4.42
C TYR A 596 31.82 -23.06 -4.41
N ALA A 597 32.18 -22.58 -3.21
CA ALA A 597 33.10 -21.43 -3.10
C ALA A 597 34.55 -21.92 -3.24
N THR B 3 -24.31 -7.13 -24.82
CA THR B 3 -23.18 -6.98 -23.85
C THR B 3 -23.45 -5.78 -22.96
N ILE B 4 -22.68 -5.67 -21.87
CA ILE B 4 -22.83 -4.52 -20.92
C ILE B 4 -22.13 -3.30 -21.50
N GLU B 5 -21.06 -3.49 -22.28
CA GLU B 5 -20.28 -2.32 -22.78
C GLU B 5 -21.22 -1.36 -23.51
N GLU B 6 -22.09 -1.88 -24.37
CA GLU B 6 -23.06 -1.02 -25.08
C GLU B 6 -23.91 -0.28 -24.04
N GLN B 7 -24.44 -1.01 -23.06
CA GLN B 7 -25.27 -0.39 -22.00
C GLN B 7 -24.44 0.63 -21.22
N ALA B 8 -23.12 0.43 -21.16
CA ALA B 8 -22.24 1.37 -20.42
C ALA B 8 -22.15 2.69 -21.19
N LYS B 9 -22.20 2.62 -22.52
CA LYS B 9 -22.15 3.86 -23.36
C LYS B 9 -23.41 4.68 -23.11
N THR B 10 -24.59 4.07 -23.32
CA THR B 10 -25.88 4.79 -23.09
C THR B 10 -25.82 5.44 -21.72
N PHE B 11 -25.33 4.70 -20.72
CA PHE B 11 -25.18 5.22 -19.34
C PHE B 11 -24.30 6.48 -19.29
N LEU B 12 -23.07 6.39 -19.80
CA LEU B 12 -22.08 7.50 -19.78
C LEU B 12 -22.63 8.71 -20.54
N ASP B 13 -23.30 8.46 -21.67
CA ASP B 13 -23.83 9.50 -22.58
C ASP B 13 -24.90 10.29 -21.84
N LYS B 14 -25.85 9.56 -21.23
CA LYS B 14 -26.87 10.10 -20.28
C LYS B 14 -26.17 10.83 -19.14
N PHE B 15 -25.22 10.19 -18.45
CA PHE B 15 -24.42 10.81 -17.36
C PHE B 15 -23.85 12.15 -17.83
N ASN B 16 -23.17 12.15 -18.99
CA ASN B 16 -22.42 13.31 -19.55
C ASN B 16 -23.37 14.45 -19.91
N HIS B 17 -24.57 14.19 -20.47
CA HIS B 17 -25.57 15.26 -20.74
C HIS B 17 -26.03 15.89 -19.41
N GLU B 18 -26.41 15.08 -18.41
CA GLU B 18 -26.92 15.56 -17.10
C GLU B 18 -25.80 16.32 -16.38
N ALA B 19 -24.58 15.77 -16.40
CA ALA B 19 -23.46 16.38 -15.63
C ALA B 19 -23.17 17.81 -16.10
N GLU B 20 -23.10 18.02 -17.42
CA GLU B 20 -22.71 19.35 -17.94
C GLU B 20 -23.61 20.44 -17.33
N ASP B 21 -24.93 20.21 -17.36
CA ASP B 21 -25.88 21.24 -16.86
C ASP B 21 -25.65 21.46 -15.36
N LEU B 22 -25.61 20.39 -14.57
CA LEU B 22 -25.49 20.52 -13.09
C LEU B 22 -24.14 21.18 -12.75
N PHE B 23 -23.07 20.77 -13.44
CA PHE B 23 -21.73 21.35 -13.17
C PHE B 23 -21.77 22.86 -13.46
N TYR B 24 -22.44 23.25 -14.54
CA TYR B 24 -22.52 24.68 -14.92
C TYR B 24 -23.20 25.46 -13.79
N GLN B 25 -24.24 24.87 -13.19
CA GLN B 25 -24.94 25.52 -12.06
C GLN B 25 -23.95 25.68 -10.89
N SER B 26 -23.33 24.59 -10.47
CA SER B 26 -22.40 24.63 -9.33
C SER B 26 -21.28 25.62 -9.63
N SER B 27 -20.80 25.64 -10.87
CA SER B 27 -19.66 26.53 -11.27
C SER B 27 -20.16 27.97 -11.37
N LEU B 28 -21.37 28.19 -11.87
CA LEU B 28 -21.96 29.54 -12.04
C LEU B 28 -22.15 30.18 -10.67
N ALA B 29 -22.82 29.47 -9.75
CA ALA B 29 -23.17 29.94 -8.40
C ALA B 29 -21.89 30.25 -7.62
N SER B 30 -20.84 29.45 -7.82
CA SER B 30 -19.51 29.64 -7.20
C SER B 30 -18.83 30.84 -7.84
N TRP B 31 -18.89 30.94 -9.17
CA TRP B 31 -18.44 32.16 -9.88
C TRP B 31 -19.12 33.40 -9.27
N ASN B 32 -20.45 33.38 -9.13
CA ASN B 32 -21.27 34.51 -8.59
C ASN B 32 -20.81 34.84 -7.18
N TYR B 33 -20.96 33.92 -6.22
CA TYR B 33 -20.49 34.08 -4.83
C TYR B 33 -19.11 34.76 -4.81
N ASN B 34 -18.18 34.26 -5.61
CA ASN B 34 -16.78 34.78 -5.61
C ASN B 34 -16.75 36.22 -6.12
N THR B 35 -17.55 36.55 -7.13
CA THR B 35 -17.60 37.91 -7.75
C THR B 35 -18.24 38.90 -6.78
N ASN B 36 -19.37 38.51 -6.19
CA ASN B 36 -20.22 39.35 -5.31
C ASN B 36 -20.54 38.57 -4.03
N ILE B 37 -19.72 38.67 -2.99
CA ILE B 37 -19.93 37.91 -1.71
C ILE B 37 -21.17 38.46 -1.01
N THR B 38 -22.27 37.69 -0.99
CA THR B 38 -23.56 38.02 -0.29
C THR B 38 -23.89 36.91 0.71
N GLU B 39 -25.19 36.66 0.91
CA GLU B 39 -25.78 35.53 1.68
C GLU B 39 -26.76 34.77 0.78
N GLU B 40 -27.30 35.41 -0.26
CA GLU B 40 -28.16 34.69 -1.23
C GLU B 40 -27.25 33.91 -2.19
N ASN B 41 -26.00 34.35 -2.35
CA ASN B 41 -25.02 33.73 -3.29
C ASN B 41 -24.37 32.50 -2.64
N VAL B 42 -24.14 32.49 -1.32
CA VAL B 42 -23.63 31.30 -0.57
C VAL B 42 -24.76 30.28 -0.42
N GLN B 43 -26.02 30.70 -0.48
CA GLN B 43 -27.19 29.78 -0.47
C GLN B 43 -27.31 29.18 -1.88
N ASN B 44 -26.88 29.90 -2.91
CA ASN B 44 -26.88 29.43 -4.33
C ASN B 44 -25.70 28.47 -4.56
N MET B 45 -24.49 28.84 -4.11
CA MET B 45 -23.30 27.98 -4.16
C MET B 45 -23.60 26.67 -3.42
N ASN B 46 -24.12 26.76 -2.19
CA ASN B 46 -24.38 25.61 -1.29
C ASN B 46 -25.41 24.63 -1.88
N ASN B 47 -26.51 25.12 -2.45
CA ASN B 47 -27.62 24.21 -2.90
C ASN B 47 -27.16 23.51 -4.19
N ALA B 48 -26.70 24.29 -5.18
CA ALA B 48 -26.13 23.84 -6.47
C ALA B 48 -25.02 22.82 -6.21
N GLY B 49 -24.16 23.10 -5.23
CA GLY B 49 -23.06 22.22 -4.79
C GLY B 49 -23.55 20.89 -4.27
N ASP B 50 -24.52 20.90 -3.35
CA ASP B 50 -25.18 19.70 -2.76
C ASP B 50 -25.81 18.87 -3.89
N LYS B 51 -26.54 19.52 -4.81
CA LYS B 51 -27.28 18.84 -5.92
C LYS B 51 -26.31 18.05 -6.78
N TRP B 52 -25.14 18.64 -7.06
CA TRP B 52 -24.01 18.05 -7.83
C TRP B 52 -23.41 16.87 -7.05
N SER B 53 -22.96 17.09 -5.81
CA SER B 53 -22.41 16.04 -4.89
C SER B 53 -23.30 14.79 -4.93
N ALA B 54 -24.61 15.03 -4.85
CA ALA B 54 -25.70 14.02 -4.71
C ALA B 54 -25.87 13.23 -6.01
N PHE B 55 -26.01 13.94 -7.14
CA PHE B 55 -25.96 13.37 -8.51
C PHE B 55 -24.75 12.44 -8.67
N LEU B 56 -23.55 12.99 -8.54
CA LEU B 56 -22.25 12.27 -8.54
C LEU B 56 -22.31 11.02 -7.67
N LYS B 57 -22.87 11.09 -6.45
CA LYS B 57 -22.84 9.90 -5.56
C LYS B 57 -23.79 8.83 -6.14
N GLU B 58 -24.96 9.23 -6.60
CA GLU B 58 -25.96 8.29 -7.18
C GLU B 58 -25.34 7.61 -8.39
N GLN B 59 -24.76 8.39 -9.31
CA GLN B 59 -24.17 7.85 -10.55
C GLN B 59 -23.02 6.90 -10.22
N SER B 60 -22.29 7.19 -9.14
CA SER B 60 -21.16 6.32 -8.72
C SER B 60 -21.66 4.90 -8.47
N THR B 61 -22.79 4.78 -7.75
CA THR B 61 -23.36 3.44 -7.44
C THR B 61 -23.84 2.78 -8.75
N LEU B 62 -24.44 3.57 -9.63
CA LEU B 62 -24.96 3.03 -10.92
C LEU B 62 -23.79 2.50 -11.76
N ALA B 63 -22.65 3.20 -11.75
CA ALA B 63 -21.48 2.79 -12.55
C ALA B 63 -20.99 1.43 -12.06
N GLN B 64 -21.26 1.11 -10.79
CA GLN B 64 -20.82 -0.18 -10.20
C GLN B 64 -21.52 -1.35 -10.90
N MET B 65 -22.59 -1.08 -11.65
CA MET B 65 -23.37 -2.16 -12.32
C MET B 65 -22.75 -2.50 -13.67
N TYR B 66 -21.69 -1.78 -14.05
CA TYR B 66 -20.99 -2.04 -15.35
C TYR B 66 -19.56 -2.51 -15.08
N PRO B 67 -19.32 -3.82 -14.88
CA PRO B 67 -17.98 -4.33 -14.57
C PRO B 67 -17.00 -4.09 -15.72
N LEU B 68 -15.73 -3.77 -15.40
CA LEU B 68 -14.73 -3.44 -16.44
C LEU B 68 -14.33 -4.71 -17.21
N GLN B 69 -14.31 -5.87 -16.55
CA GLN B 69 -13.90 -7.14 -17.19
C GLN B 69 -14.45 -7.21 -18.62
N GLU B 70 -15.71 -6.78 -18.82
CA GLU B 70 -16.34 -6.88 -20.16
C GLU B 70 -16.31 -5.55 -20.91
N ILE B 71 -15.44 -4.61 -20.51
CA ILE B 71 -15.30 -3.32 -21.22
C ILE B 71 -13.93 -3.28 -21.92
N GLN B 72 -13.92 -2.95 -23.22
CA GLN B 72 -12.66 -2.96 -24.01
C GLN B 72 -12.21 -1.53 -24.32
N ASN B 73 -13.15 -0.66 -24.72
CA ASN B 73 -12.81 0.75 -24.99
C ASN B 73 -12.15 1.36 -23.76
N LEU B 74 -10.96 1.95 -23.92
CA LEU B 74 -10.27 2.59 -22.78
C LEU B 74 -11.05 3.83 -22.34
N THR B 75 -11.61 4.57 -23.29
CA THR B 75 -12.33 5.82 -22.96
C THR B 75 -13.47 5.52 -21.98
N VAL B 76 -14.33 4.57 -22.33
CA VAL B 76 -15.49 4.22 -21.46
C VAL B 76 -14.94 3.69 -20.13
N LYS B 77 -13.88 2.88 -20.17
CA LYS B 77 -13.30 2.28 -18.94
C LYS B 77 -12.79 3.40 -18.03
N LEU B 78 -12.08 4.38 -18.59
CA LEU B 78 -11.48 5.45 -17.77
C LEU B 78 -12.59 6.23 -17.06
N GLN B 79 -13.75 6.38 -17.70
CA GLN B 79 -14.84 7.18 -17.09
C GLN B 79 -15.50 6.34 -15.98
N LEU B 80 -15.77 5.07 -16.27
CA LEU B 80 -16.35 4.18 -15.24
C LEU B 80 -15.42 4.13 -14.03
N GLN B 81 -14.11 4.03 -14.28
CA GLN B 81 -13.13 3.93 -13.17
C GLN B 81 -13.25 5.17 -12.28
N ALA B 82 -13.33 6.36 -12.89
CA ALA B 82 -13.42 7.62 -12.11
C ALA B 82 -14.74 7.65 -11.35
N LEU B 83 -15.84 7.27 -12.01
CA LEU B 83 -17.17 7.31 -11.38
C LEU B 83 -17.25 6.22 -10.30
N GLN B 84 -16.59 5.08 -10.53
CA GLN B 84 -16.66 3.94 -9.58
C GLN B 84 -15.78 4.24 -8.36
N GLN B 85 -15.20 5.44 -8.30
CA GLN B 85 -14.39 5.84 -7.12
C GLN B 85 -14.87 7.21 -6.62
N ASN B 86 -15.79 7.86 -7.35
CA ASN B 86 -16.26 9.21 -6.97
C ASN B 86 -17.43 9.10 -5.99
N GLY B 87 -17.19 8.53 -4.80
CA GLY B 87 -18.25 8.40 -3.79
C GLY B 87 -17.68 7.95 -2.45
N SER B 88 -17.77 8.81 -1.43
CA SER B 88 -17.31 8.43 -0.06
C SER B 88 -18.40 7.62 0.64
N SER B 89 -19.04 6.70 -0.09
CA SER B 89 -20.14 5.88 0.49
C SER B 89 -19.56 4.65 1.17
N VAL B 90 -18.34 4.75 1.71
CA VAL B 90 -17.67 3.57 2.35
C VAL B 90 -17.45 3.90 3.84
N LEU B 91 -18.04 4.98 4.33
CA LEU B 91 -17.86 5.39 5.76
C LEU B 91 -19.23 5.55 6.42
N SER B 92 -19.34 5.24 7.71
CA SER B 92 -20.62 5.36 8.44
C SER B 92 -21.14 6.80 8.31
N GLU B 93 -22.45 6.97 8.18
CA GLU B 93 -23.04 8.32 8.02
C GLU B 93 -22.52 9.21 9.15
N ASP B 94 -22.42 8.66 10.37
CA ASP B 94 -21.95 9.44 11.53
C ASP B 94 -20.47 9.81 11.35
N LYS B 95 -19.65 8.86 10.90
CA LYS B 95 -18.22 9.14 10.65
C LYS B 95 -18.10 10.11 9.47
N SER B 96 -18.95 9.94 8.44
CA SER B 96 -18.95 10.88 7.30
C SER B 96 -19.27 12.28 7.83
N LYS B 97 -20.22 12.37 8.76
CA LYS B 97 -20.62 13.68 9.34
C LYS B 97 -19.46 14.24 10.16
N ARG B 98 -18.88 13.44 11.06
CA ARG B 98 -17.77 13.90 11.92
C ARG B 98 -16.64 14.44 11.02
N LEU B 99 -16.22 13.63 10.05
CA LEU B 99 -15.13 14.05 9.10
C LEU B 99 -15.47 15.42 8.50
N ASN B 100 -16.68 15.53 7.94
CA ASN B 100 -17.17 16.77 7.29
C ASN B 100 -17.13 17.96 8.25
N THR B 101 -17.55 17.75 9.49
CA THR B 101 -17.47 18.75 10.58
C THR B 101 -15.98 19.10 10.82
N ILE B 102 -15.10 18.11 10.89
CA ILE B 102 -13.65 18.34 11.19
C ILE B 102 -13.00 19.07 10.00
N LEU B 103 -13.35 18.76 8.75
CA LEU B 103 -12.80 19.52 7.61
C LEU B 103 -13.19 20.99 7.76
N ASN B 104 -14.50 21.28 7.80
CA ASN B 104 -15.06 22.65 7.91
C ASN B 104 -14.50 23.40 9.11
N THR B 105 -14.32 22.72 10.24
CA THR B 105 -13.86 23.38 11.49
C THR B 105 -12.40 23.82 11.34
N MET B 106 -11.52 22.94 10.84
CA MET B 106 -10.07 23.21 10.69
C MET B 106 -9.91 24.34 9.68
N SER B 107 -10.67 24.28 8.58
CA SER B 107 -10.73 25.33 7.53
C SER B 107 -11.08 26.67 8.19
N THR B 108 -12.14 26.72 9.00
CA THR B 108 -12.72 27.99 9.53
C THR B 108 -11.76 28.62 10.55
N ILE B 109 -11.18 27.84 11.46
CA ILE B 109 -10.23 28.42 12.45
C ILE B 109 -8.93 28.83 11.73
N TYR B 110 -8.69 28.39 10.50
CA TYR B 110 -7.54 28.90 9.71
C TYR B 110 -7.89 30.29 9.20
N SER B 111 -9.03 30.44 8.51
CA SER B 111 -9.39 31.73 7.86
C SER B 111 -9.73 32.82 8.87
N THR B 112 -10.10 32.43 10.08
CA THR B 112 -10.51 33.37 11.17
C THR B 112 -9.41 33.43 12.25
N GLY B 113 -8.32 32.69 12.13
CA GLY B 113 -7.21 32.81 13.09
C GLY B 113 -6.80 34.27 13.30
N LYS B 114 -6.79 34.70 14.56
CA LYS B 114 -6.38 36.08 14.91
C LYS B 114 -5.47 35.98 16.14
N VAL B 115 -4.30 36.62 16.10
CA VAL B 115 -3.38 36.60 17.27
C VAL B 115 -3.19 38.03 17.78
N CYS B 116 -2.99 38.20 19.08
CA CYS B 116 -2.88 39.56 19.67
C CYS B 116 -1.50 39.77 20.30
N ASN B 117 -0.87 40.91 20.04
CA ASN B 117 0.51 41.18 20.53
C ASN B 117 0.53 41.28 22.05
N PRO B 118 1.44 40.59 22.76
CA PRO B 118 1.56 40.73 24.21
C PRO B 118 2.07 42.14 24.54
N ASP B 119 2.90 42.72 23.67
CA ASP B 119 3.45 44.09 23.89
C ASP B 119 2.49 45.11 23.27
N ASN B 120 1.33 44.64 22.77
CA ASN B 120 0.31 45.56 22.20
C ASN B 120 -1.03 44.83 22.23
N PRO B 121 -1.70 44.71 23.40
CA PRO B 121 -2.94 43.93 23.51
C PRO B 121 -4.01 44.21 22.43
N GLN B 122 -4.10 45.44 21.94
CA GLN B 122 -5.13 45.82 20.92
C GLN B 122 -4.63 45.41 19.54
N GLU B 123 -3.30 45.24 19.45
CA GLU B 123 -2.75 44.74 18.17
C GLU B 123 -3.09 43.26 18.05
N CYS B 124 -4.21 42.99 17.36
CA CYS B 124 -4.62 41.60 17.03
C CYS B 124 -4.66 41.53 15.51
N LEU B 125 -4.05 40.52 14.90
CA LEU B 125 -3.97 40.51 13.41
C LEU B 125 -4.45 39.20 12.81
N LEU B 126 -4.95 39.24 11.57
CA LEU B 126 -5.33 38.00 10.86
C LEU B 126 -4.11 37.57 10.05
N LEU B 127 -4.02 36.29 9.67
CA LEU B 127 -2.89 35.83 8.84
C LEU B 127 -2.81 36.78 7.65
N GLU B 128 -3.95 37.05 7.05
CA GLU B 128 -4.10 37.86 5.81
C GLU B 128 -4.97 39.06 6.14
N PRO B 129 -4.46 40.33 6.10
CA PRO B 129 -3.11 40.65 5.62
C PRO B 129 -2.02 40.85 6.69
N GLY B 130 -2.42 40.86 7.96
CA GLY B 130 -1.62 41.39 9.09
C GLY B 130 -0.28 40.68 9.29
N LEU B 131 -0.36 39.39 9.64
CA LEU B 131 0.81 38.53 9.97
C LEU B 131 1.65 38.33 8.71
N ASN B 132 1.03 38.11 7.56
CA ASN B 132 1.75 38.01 6.27
C ASN B 132 2.57 39.28 6.01
N GLU B 133 2.03 40.46 6.27
CA GLU B 133 2.77 41.73 6.08
C GLU B 133 4.03 41.64 6.97
N ILE B 134 3.91 41.22 8.23
CA ILE B 134 5.09 41.17 9.16
C ILE B 134 6.13 40.16 8.64
N MET B 135 5.67 38.99 8.19
CA MET B 135 6.56 37.86 7.76
C MET B 135 7.12 38.16 6.36
N ALA B 136 6.42 38.96 5.54
CA ALA B 136 6.98 39.36 4.23
C ALA B 136 8.03 40.47 4.41
N ASN B 137 7.91 41.39 5.38
CA ASN B 137 8.66 42.67 5.31
C ASN B 137 9.47 43.01 6.56
N SER B 138 9.20 42.42 7.71
CA SER B 138 9.94 42.84 8.94
C SER B 138 11.42 42.44 8.83
N LEU B 139 12.26 43.24 9.47
CA LEU B 139 13.72 43.08 9.66
C LEU B 139 13.93 42.99 11.17
N ASP B 140 12.92 42.60 11.93
CA ASP B 140 13.09 42.67 13.40
C ASP B 140 12.90 41.26 13.90
N TYR B 141 13.91 40.71 14.57
CA TYR B 141 13.94 39.31 15.02
C TYR B 141 12.67 39.03 15.82
N ASN B 142 12.50 39.79 16.88
CA ASN B 142 11.44 39.57 17.92
C ASN B 142 10.05 39.79 17.33
N GLU B 143 9.89 40.71 16.37
CA GLU B 143 8.56 40.97 15.76
C GLU B 143 8.14 39.78 14.90
N ARG B 144 9.07 39.23 14.12
CA ARG B 144 8.81 38.09 13.22
C ARG B 144 8.56 36.82 14.06
N LEU B 145 9.26 36.72 15.19
CA LEU B 145 9.12 35.57 16.12
C LEU B 145 7.72 35.60 16.75
N TRP B 146 7.33 36.73 17.34
CA TRP B 146 6.00 36.85 18.00
C TRP B 146 4.91 36.40 17.01
N ALA B 147 4.96 36.91 15.78
CA ALA B 147 3.99 36.51 14.73
C ALA B 147 4.10 35.00 14.45
N TRP B 148 5.29 34.55 14.07
CA TRP B 148 5.52 33.10 13.75
C TRP B 148 5.07 32.21 14.93
N GLU B 149 5.47 32.55 16.15
CA GLU B 149 5.25 31.75 17.38
C GLU B 149 3.76 31.81 17.80
N SER B 150 3.13 32.97 17.73
CA SER B 150 1.71 33.12 18.14
C SER B 150 0.80 32.39 17.14
N TRP B 151 1.06 32.54 15.85
CA TRP B 151 0.22 31.88 14.83
C TRP B 151 0.13 30.38 15.16
N ARG B 152 1.22 29.81 15.63
CA ARG B 152 1.37 28.35 15.89
C ARG B 152 0.83 28.03 17.29
N SER B 153 1.09 28.88 18.30
CA SER B 153 0.72 28.63 19.72
C SER B 153 -0.75 29.00 19.96
N GLU B 154 -1.47 29.45 18.93
CA GLU B 154 -2.92 29.74 19.02
C GLU B 154 -3.70 28.86 18.03
N VAL B 155 -3.80 29.24 16.76
CA VAL B 155 -4.60 28.42 15.79
C VAL B 155 -3.96 27.03 15.68
N GLY B 156 -2.62 26.92 15.70
CA GLY B 156 -1.88 25.65 15.67
C GLY B 156 -2.40 24.66 16.72
N LYS B 157 -2.30 25.00 18.01
CA LYS B 157 -2.66 24.12 19.16
C LYS B 157 -4.15 23.82 19.13
N GLN B 158 -4.97 24.73 18.58
CA GLN B 158 -6.42 24.43 18.42
C GLN B 158 -6.60 23.33 17.37
N LEU B 159 -5.70 23.26 16.40
CA LEU B 159 -5.86 22.32 15.27
C LEU B 159 -5.37 20.92 15.68
N ARG B 160 -4.47 20.82 16.66
CA ARG B 160 -3.84 19.51 16.99
C ARG B 160 -4.91 18.42 17.08
N PRO B 161 -5.87 18.51 18.04
CA PRO B 161 -6.82 17.41 18.29
C PRO B 161 -7.80 17.15 17.13
N LEU B 162 -8.10 18.16 16.32
CA LEU B 162 -8.91 17.95 15.09
C LEU B 162 -8.06 17.21 14.05
N TYR B 163 -6.76 17.54 13.92
CA TYR B 163 -5.86 16.87 12.93
C TYR B 163 -5.79 15.38 13.26
N GLU B 164 -5.48 15.04 14.52
CA GLU B 164 -5.42 13.64 15.05
C GLU B 164 -6.68 12.83 14.68
N GLU B 165 -7.87 13.39 14.82
CA GLU B 165 -9.14 12.69 14.46
C GLU B 165 -9.26 12.66 12.91
N TYR B 166 -8.75 13.70 12.24
CA TYR B 166 -8.70 13.80 10.75
C TYR B 166 -7.94 12.57 10.23
N VAL B 167 -6.75 12.33 10.77
CA VAL B 167 -5.89 11.21 10.29
C VAL B 167 -6.73 9.93 10.39
N VAL B 168 -7.22 9.59 11.58
CA VAL B 168 -7.83 8.26 11.82
C VAL B 168 -9.07 8.09 10.91
N LEU B 169 -9.86 9.13 10.63
CA LEU B 169 -11.07 8.98 9.77
C LEU B 169 -10.65 8.81 8.30
N LYS B 170 -9.73 9.65 7.81
CA LYS B 170 -9.21 9.64 6.42
C LYS B 170 -8.53 8.30 6.16
N ASN B 171 -7.73 7.84 7.11
CA ASN B 171 -7.13 6.49 7.05
C ASN B 171 -8.21 5.41 6.87
N GLU B 172 -9.32 5.49 7.60
CA GLU B 172 -10.42 4.48 7.52
C GLU B 172 -11.05 4.56 6.13
N MET B 173 -11.46 5.75 5.70
CA MET B 173 -12.04 5.93 4.35
C MET B 173 -11.12 5.28 3.31
N ALA B 174 -9.82 5.60 3.36
CA ALA B 174 -8.86 5.09 2.35
C ALA B 174 -8.78 3.57 2.40
N ARG B 175 -8.51 3.00 3.59
CA ARG B 175 -8.34 1.53 3.71
C ARG B 175 -9.65 0.84 3.30
N ALA B 176 -10.79 1.45 3.60
CA ALA B 176 -12.09 0.89 3.20
C ALA B 176 -12.15 0.80 1.67
N ASN B 177 -11.39 1.65 0.98
CA ASN B 177 -11.34 1.63 -0.51
C ASN B 177 -10.20 0.69 -0.94
N HIS B 178 -9.60 -0.03 0.03
CA HIS B 178 -8.54 -1.03 -0.28
C HIS B 178 -7.17 -0.35 -0.43
N TYR B 179 -7.12 0.98 -0.26
CA TYR B 179 -5.82 1.69 -0.28
C TYR B 179 -5.11 1.43 1.06
N GLU B 180 -3.78 1.52 1.08
CA GLU B 180 -3.01 1.25 2.32
C GLU B 180 -3.33 2.32 3.35
N ASP B 181 -3.43 3.59 2.91
CA ASP B 181 -3.68 4.71 3.86
C ASP B 181 -4.03 5.97 3.06
N TYR B 182 -4.21 7.10 3.75
CA TYR B 182 -4.60 8.36 3.08
C TYR B 182 -3.46 8.83 2.17
N GLY B 183 -2.23 8.76 2.69
CA GLY B 183 -1.01 8.87 1.88
C GLY B 183 -1.16 8.14 0.57
N ASP B 184 -1.20 6.82 0.64
CA ASP B 184 -1.25 5.92 -0.54
C ASP B 184 -2.34 6.45 -1.49
N TYR B 185 -3.49 6.81 -0.90
CA TYR B 185 -4.72 7.28 -1.61
C TYR B 185 -4.40 8.52 -2.47
N TRP B 186 -3.68 9.50 -1.90
CA TRP B 186 -3.21 10.73 -2.62
C TRP B 186 -2.29 10.30 -3.77
N ARG B 187 -1.26 9.51 -3.48
CA ARG B 187 -0.25 9.07 -4.50
C ARG B 187 -0.98 8.31 -5.60
N GLY B 188 -2.20 7.85 -5.35
CA GLY B 188 -3.07 7.30 -6.41
C GLY B 188 -3.24 8.25 -7.59
N ASP B 189 -3.08 9.56 -7.42
CA ASP B 189 -3.24 10.55 -8.53
C ASP B 189 -2.26 10.18 -9.66
N TYR B 190 -1.05 9.73 -9.30
CA TYR B 190 0.05 9.43 -10.25
C TYR B 190 0.00 7.98 -10.76
N GLU B 191 -0.92 7.16 -10.22
CA GLU B 191 -0.94 5.72 -10.56
C GLU B 191 -1.38 5.46 -12.00
N VAL B 192 -0.66 4.59 -12.72
CA VAL B 192 -1.07 4.19 -14.10
C VAL B 192 -1.10 2.66 -14.11
N ASN B 193 -2.24 2.06 -14.42
CA ASN B 193 -2.36 0.57 -14.38
C ASN B 193 -3.13 0.07 -15.61
N GLY B 194 -2.54 -0.86 -16.35
CA GLY B 194 -3.22 -1.44 -17.54
C GLY B 194 -2.70 -0.86 -18.85
N VAL B 195 -1.84 0.15 -18.79
CA VAL B 195 -1.23 0.73 -20.02
C VAL B 195 0.19 0.20 -20.15
N ASP B 196 0.38 -0.85 -20.96
CA ASP B 196 1.72 -1.49 -21.07
C ASP B 196 2.78 -0.47 -21.50
N GLY B 197 3.89 -0.40 -20.76
CA GLY B 197 4.99 0.51 -21.12
C GLY B 197 4.90 1.84 -20.40
N TYR B 198 3.74 2.15 -19.80
CA TYR B 198 3.56 3.48 -19.17
C TYR B 198 3.01 3.33 -17.75
N ASP B 199 2.82 2.09 -17.29
CA ASP B 199 2.23 1.86 -15.95
C ASP B 199 3.12 2.51 -14.88
N TYR B 200 2.51 3.04 -13.81
CA TYR B 200 3.27 3.71 -12.73
C TYR B 200 2.64 3.34 -11.38
N SER B 201 3.46 2.94 -10.40
CA SER B 201 2.95 2.52 -9.07
C SER B 201 2.97 3.69 -8.09
N ARG B 202 2.06 3.68 -7.12
CA ARG B 202 1.97 4.77 -6.11
C ARG B 202 3.23 4.75 -5.24
N GLY B 203 3.92 3.61 -5.18
CA GLY B 203 5.18 3.51 -4.40
C GLY B 203 6.35 4.09 -5.16
N GLN B 204 6.33 3.97 -6.49
CA GLN B 204 7.39 4.56 -7.34
C GLN B 204 7.49 6.08 -7.15
N LEU B 205 6.35 6.74 -6.91
CA LEU B 205 6.34 8.19 -6.59
C LEU B 205 7.31 8.45 -5.45
N ILE B 206 7.23 7.71 -4.32
CA ILE B 206 8.08 7.99 -3.12
C ILE B 206 9.54 7.83 -3.55
N GLU B 207 9.80 6.85 -4.40
CA GLU B 207 11.16 6.54 -4.89
C GLU B 207 11.60 7.73 -5.75
N ASP B 208 10.84 8.07 -6.81
CA ASP B 208 11.22 9.10 -7.81
C ASP B 208 11.41 10.49 -7.17
N VAL B 209 10.55 10.84 -6.20
CA VAL B 209 10.65 12.11 -5.42
C VAL B 209 11.97 12.08 -4.65
N GLU B 210 12.23 10.99 -3.95
CA GLU B 210 13.44 10.84 -3.10
C GLU B 210 14.69 10.83 -3.99
N HIS B 211 14.62 10.21 -5.15
CA HIS B 211 15.77 10.07 -6.09
C HIS B 211 16.09 11.43 -6.71
N THR B 212 15.08 12.14 -7.23
CA THR B 212 15.28 13.48 -7.85
C THR B 212 15.71 14.48 -6.77
N PHE B 213 15.20 14.36 -5.55
CA PHE B 213 15.55 15.31 -4.46
C PHE B 213 17.05 15.22 -4.13
N GLU B 214 17.65 14.02 -4.21
CA GLU B 214 19.10 13.81 -3.98
C GLU B 214 19.92 14.64 -4.98
N GLU B 215 19.50 14.70 -6.24
CA GLU B 215 20.19 15.49 -7.30
C GLU B 215 20.10 16.99 -6.97
N ILE B 216 19.03 17.45 -6.32
CA ILE B 216 18.78 18.88 -5.99
C ILE B 216 19.56 19.30 -4.73
N LYS B 217 19.99 18.37 -3.89
CA LYS B 217 20.66 18.65 -2.59
C LYS B 217 21.85 19.61 -2.75
N PRO B 218 22.78 19.39 -3.69
CA PRO B 218 23.90 20.31 -3.89
C PRO B 218 23.46 21.77 -4.13
N LEU B 219 22.56 21.99 -5.11
CA LEU B 219 22.13 23.37 -5.44
C LEU B 219 21.49 24.04 -4.21
N TYR B 220 20.59 23.33 -3.52
CA TYR B 220 19.88 23.93 -2.37
C TYR B 220 20.87 24.29 -1.25
N GLU B 221 21.88 23.45 -1.03
CA GLU B 221 22.84 23.70 0.07
C GLU B 221 23.61 24.97 -0.22
N HIS B 222 23.95 25.21 -1.50
CA HIS B 222 24.68 26.44 -1.88
C HIS B 222 23.78 27.67 -1.72
N LEU B 223 22.51 27.57 -2.17
CA LEU B 223 21.56 28.69 -1.95
C LEU B 223 21.40 28.91 -0.44
N HIS B 224 21.27 27.82 0.31
CA HIS B 224 21.10 27.93 1.79
C HIS B 224 22.30 28.65 2.39
N ALA B 225 23.51 28.26 1.99
CA ALA B 225 24.74 28.87 2.55
C ALA B 225 24.81 30.35 2.16
N TYR B 226 24.50 30.65 0.90
CA TYR B 226 24.57 32.05 0.41
C TYR B 226 23.56 32.91 1.18
N VAL B 227 22.31 32.47 1.22
CA VAL B 227 21.24 33.24 1.93
C VAL B 227 21.64 33.38 3.39
N ARG B 228 22.25 32.34 3.96
CA ARG B 228 22.61 32.32 5.40
C ARG B 228 23.75 33.33 5.67
N ALA B 229 24.75 33.39 4.80
CA ALA B 229 25.86 34.37 4.88
C ALA B 229 25.26 35.78 4.84
N LYS B 230 24.34 35.98 3.90
CA LYS B 230 23.54 37.24 3.76
C LYS B 230 22.71 37.52 5.01
N LEU B 231 21.88 36.57 5.48
CA LEU B 231 20.94 36.83 6.61
C LEU B 231 21.76 37.17 7.86
N MET B 232 23.05 36.84 7.89
CA MET B 232 23.95 37.12 9.05
C MET B 232 24.25 38.61 9.14
N ASN B 233 24.37 39.30 8.00
CA ASN B 233 24.56 40.78 7.95
C ASN B 233 23.39 41.45 8.67
N ALA B 234 22.17 40.99 8.37
CA ALA B 234 20.89 41.44 8.96
C ALA B 234 20.73 41.00 10.42
N TYR B 235 21.05 39.75 10.79
CA TYR B 235 20.74 39.24 12.14
C TYR B 235 21.97 38.62 12.80
N PRO B 236 23.09 39.35 12.93
CA PRO B 236 24.34 38.73 13.37
C PRO B 236 24.30 38.09 14.76
N SER B 237 23.45 38.58 15.67
CA SER B 237 23.30 38.05 17.05
C SER B 237 22.61 36.67 17.05
N TYR B 238 21.94 36.25 15.97
CA TYR B 238 20.87 35.21 16.04
C TYR B 238 21.22 34.03 15.14
N ILE B 239 21.87 34.29 13.99
CA ILE B 239 22.19 33.26 12.95
C ILE B 239 23.65 32.79 13.11
N SER B 240 23.87 31.48 13.19
CA SER B 240 25.22 30.83 13.21
C SER B 240 25.62 30.42 11.78
N PRO B 241 26.92 30.60 11.39
CA PRO B 241 27.37 30.25 10.03
C PRO B 241 27.50 28.75 9.71
N ILE B 242 27.46 27.90 10.75
CA ILE B 242 27.34 26.41 10.67
C ILE B 242 25.88 25.99 10.89
N GLY B 243 25.02 26.94 11.33
CA GLY B 243 23.68 26.67 11.86
C GLY B 243 22.63 26.50 10.79
N CYS B 244 21.51 25.87 11.13
CA CYS B 244 20.26 25.94 10.34
C CYS B 244 19.78 27.40 10.32
N LEU B 245 18.90 27.71 9.36
CA LEU B 245 18.16 29.00 9.25
C LEU B 245 17.01 29.00 10.24
N PRO B 246 16.90 30.00 11.16
CA PRO B 246 15.68 30.15 11.97
C PRO B 246 14.43 30.27 11.08
N ALA B 247 13.38 29.52 11.44
CA ALA B 247 12.18 29.28 10.60
C ALA B 247 11.42 30.58 10.36
N HIS B 248 11.59 31.55 11.28
CA HIS B 248 10.80 32.81 11.26
C HIS B 248 11.49 33.89 10.46
N LEU B 249 12.66 33.65 9.87
CA LEU B 249 13.45 34.70 9.16
C LEU B 249 13.43 34.48 7.65
N LEU B 250 12.42 33.81 7.10
CA LEU B 250 12.55 33.30 5.71
C LEU B 250 11.60 33.98 4.72
N GLY B 251 10.79 34.96 5.14
CA GLY B 251 10.13 35.86 4.18
C GLY B 251 8.66 35.53 3.91
N ASP B 252 8.16 34.49 4.55
CA ASP B 252 6.70 34.25 4.67
C ASP B 252 6.48 33.46 5.96
N MET B 253 5.26 33.00 6.19
CA MET B 253 4.82 32.53 7.51
C MET B 253 5.49 31.18 7.86
N TRP B 254 5.88 30.39 6.85
CA TRP B 254 6.33 28.96 6.99
C TRP B 254 7.74 28.68 6.44
N GLY B 255 8.29 29.59 5.62
CA GLY B 255 9.43 29.37 4.72
C GLY B 255 9.04 28.64 3.44
N ARG B 256 7.78 28.72 3.03
CA ARG B 256 7.39 28.06 1.75
C ARG B 256 8.24 28.63 0.62
N PHE B 257 8.43 29.95 0.61
CA PHE B 257 9.23 30.61 -0.47
C PHE B 257 10.20 31.61 0.16
N TRP B 258 11.36 31.84 -0.49
CA TRP B 258 12.37 32.78 0.03
C TRP B 258 12.39 34.03 -0.85
N THR B 259 11.34 34.22 -1.65
CA THR B 259 11.27 35.36 -2.61
C THR B 259 11.43 36.70 -1.88
N ASN B 260 10.92 36.81 -0.65
CA ASN B 260 10.93 38.12 0.06
C ASN B 260 12.28 38.33 0.75
N LEU B 261 13.29 37.54 0.41
CA LEU B 261 14.65 37.73 0.99
C LEU B 261 15.56 38.36 -0.07
N TYR B 262 15.03 38.64 -1.26
CA TYR B 262 15.85 39.19 -2.37
C TYR B 262 16.53 40.50 -1.97
N SER B 263 15.77 41.44 -1.42
CA SER B 263 16.32 42.75 -1.01
C SER B 263 17.55 42.54 -0.14
N LEU B 264 17.53 41.50 0.69
CA LEU B 264 18.65 41.24 1.65
C LEU B 264 19.77 40.38 1.01
N THR B 265 19.50 39.71 -0.12
CA THR B 265 20.35 38.63 -0.69
C THR B 265 20.70 38.95 -2.13
N VAL B 266 20.30 40.11 -2.68
CA VAL B 266 20.45 40.42 -4.13
C VAL B 266 21.93 40.35 -4.43
N PRO B 267 22.34 39.62 -5.49
CA PRO B 267 23.77 39.48 -5.81
C PRO B 267 24.51 40.81 -6.10
N PHE B 268 24.03 41.56 -7.09
CA PHE B 268 24.54 42.90 -7.47
C PHE B 268 23.35 43.87 -7.33
N GLY B 269 23.35 44.67 -6.27
CA GLY B 269 22.24 45.59 -5.93
C GLY B 269 22.38 46.92 -6.63
N GLN B 270 23.58 47.21 -7.14
CA GLN B 270 23.93 48.47 -7.84
C GLN B 270 23.71 48.31 -9.34
N LYS B 271 23.23 47.14 -9.81
CA LYS B 271 22.74 46.95 -11.20
C LYS B 271 21.24 47.24 -11.20
N PRO B 272 20.63 47.57 -12.36
CA PRO B 272 19.21 47.93 -12.38
C PRO B 272 18.39 46.66 -12.15
N ASN B 273 17.21 46.74 -11.51
CA ASN B 273 16.24 45.61 -11.46
C ASN B 273 15.54 45.54 -12.82
N ILE B 274 14.75 44.50 -13.10
CA ILE B 274 14.14 44.28 -14.45
C ILE B 274 12.67 44.70 -14.45
N ASP B 275 12.09 44.98 -13.27
CA ASP B 275 10.65 45.34 -13.17
C ASP B 275 10.28 46.32 -14.29
N VAL B 276 9.21 46.01 -15.04
CA VAL B 276 8.78 46.87 -16.18
C VAL B 276 7.46 47.54 -15.80
N THR B 277 7.09 47.51 -14.52
CA THR B 277 5.79 48.09 -14.08
C THR B 277 5.69 49.54 -14.53
N ASP B 278 6.77 50.31 -14.35
CA ASP B 278 6.75 51.75 -14.68
C ASP B 278 6.33 51.93 -16.14
N ALA B 279 7.05 51.30 -17.07
CA ALA B 279 6.76 51.50 -18.51
C ALA B 279 5.29 51.17 -18.79
N MET B 280 4.78 50.09 -18.16
CA MET B 280 3.36 49.73 -18.35
C MET B 280 2.51 50.93 -17.92
N VAL B 281 2.80 51.49 -16.74
CA VAL B 281 2.07 52.68 -16.25
C VAL B 281 2.38 53.87 -17.16
N ASP B 282 3.66 54.04 -17.51
CA ASP B 282 4.08 55.20 -18.35
C ASP B 282 3.36 55.12 -19.70
N GLN B 283 3.15 53.91 -20.21
CA GLN B 283 2.40 53.74 -21.48
C GLN B 283 0.91 53.70 -21.16
N ALA B 284 0.57 53.96 -19.91
CA ALA B 284 -0.86 53.95 -19.48
C ALA B 284 -1.46 52.58 -19.75
N TRP B 285 -1.00 51.56 -19.02
CA TRP B 285 -1.50 50.18 -19.22
C TRP B 285 -2.61 49.86 -18.21
N ASP B 286 -3.77 49.40 -18.70
CA ASP B 286 -4.88 49.01 -17.79
C ASP B 286 -4.73 47.51 -17.47
N ALA B 287 -5.84 46.78 -17.37
CA ALA B 287 -5.76 45.33 -17.16
C ALA B 287 -6.01 44.63 -18.50
N GLN B 288 -6.96 45.14 -19.28
CA GLN B 288 -7.28 44.54 -20.61
C GLN B 288 -6.00 44.50 -21.44
N ARG B 289 -5.15 45.52 -21.31
CA ARG B 289 -3.86 45.55 -22.05
C ARG B 289 -3.07 44.29 -21.72
N ILE B 290 -2.88 44.00 -20.43
CA ILE B 290 -2.05 42.83 -20.02
C ILE B 290 -2.68 41.56 -20.59
N PHE B 291 -3.99 41.39 -20.43
CA PHE B 291 -4.64 40.13 -20.87
C PHE B 291 -4.61 40.06 -22.41
N LYS B 292 -4.88 41.18 -23.07
CA LYS B 292 -4.91 41.20 -24.56
C LYS B 292 -3.52 40.84 -25.08
N GLU B 293 -2.47 41.33 -24.41
CA GLU B 293 -1.08 41.01 -24.83
C GLU B 293 -0.82 39.53 -24.57
N ALA B 294 -1.04 39.07 -23.33
CA ALA B 294 -0.89 37.63 -23.03
C ALA B 294 -1.67 36.85 -24.08
N GLU B 295 -2.86 37.34 -24.42
CA GLU B 295 -3.69 36.66 -25.43
C GLU B 295 -2.95 36.54 -26.78
N LYS B 296 -2.24 37.59 -27.19
CA LYS B 296 -1.48 37.60 -28.46
C LYS B 296 -0.32 36.58 -28.37
N PHE B 297 0.35 36.48 -27.21
CA PHE B 297 1.48 35.55 -26.92
C PHE B 297 1.08 34.08 -27.21
N PHE B 298 -0.19 33.72 -27.03
CA PHE B 298 -0.71 32.35 -27.25
C PHE B 298 -1.02 32.16 -28.74
N VAL B 299 -1.77 33.10 -29.34
CA VAL B 299 -1.98 33.11 -30.82
C VAL B 299 -0.60 33.19 -31.49
N SER B 300 0.41 33.73 -30.80
CA SER B 300 1.79 33.82 -31.35
C SER B 300 2.36 32.42 -31.56
N VAL B 301 1.95 31.46 -30.74
CA VAL B 301 2.46 30.06 -30.83
C VAL B 301 1.41 29.19 -31.53
N GLY B 302 0.36 29.79 -32.10
CA GLY B 302 -0.61 29.11 -32.99
C GLY B 302 -1.77 28.53 -32.20
N LEU B 303 -1.77 28.77 -30.88
CA LEU B 303 -2.89 28.38 -29.96
C LEU B 303 -4.09 29.29 -30.22
N PRO B 304 -5.32 28.88 -29.83
CA PRO B 304 -6.52 29.66 -30.16
C PRO B 304 -6.59 31.03 -29.44
N ASN B 305 -7.58 31.84 -29.84
CA ASN B 305 -7.91 33.16 -29.23
C ASN B 305 -8.85 32.95 -28.03
N MET B 306 -8.65 33.72 -26.96
CA MET B 306 -9.64 33.80 -25.84
C MET B 306 -11.04 33.99 -26.43
N THR B 307 -12.03 33.26 -25.91
CA THR B 307 -13.43 33.24 -26.43
C THR B 307 -14.00 34.66 -26.41
N GLN B 308 -15.12 34.88 -27.09
CA GLN B 308 -15.95 36.10 -26.88
C GLN B 308 -16.44 36.04 -25.43
N GLY B 309 -17.03 34.90 -25.04
CA GLY B 309 -17.56 34.63 -23.69
C GLY B 309 -16.50 34.58 -22.61
N PHE B 310 -15.30 35.15 -22.86
CA PHE B 310 -14.19 35.33 -21.89
C PHE B 310 -14.07 36.81 -21.51
N TRP B 311 -13.76 37.66 -22.49
CA TRP B 311 -13.74 39.15 -22.41
C TRP B 311 -15.08 39.69 -21.86
N GLU B 312 -16.20 39.13 -22.35
CA GLU B 312 -17.62 39.48 -22.05
C GLU B 312 -18.04 39.16 -20.62
N ASN B 313 -17.24 38.44 -19.81
CA ASN B 313 -17.71 37.87 -18.53
C ASN B 313 -16.63 37.87 -17.45
N SER B 314 -15.46 38.48 -17.70
CA SER B 314 -14.26 38.37 -16.83
C SER B 314 -14.05 39.66 -16.01
N MET B 315 -14.00 39.50 -14.69
CA MET B 315 -13.63 40.53 -13.69
C MET B 315 -12.09 40.59 -13.61
N LEU B 316 -11.46 41.54 -14.32
CA LEU B 316 -9.98 41.65 -14.46
C LEU B 316 -9.42 42.73 -13.52
N THR B 317 -10.26 43.63 -12.99
CA THR B 317 -9.91 44.63 -11.95
C THR B 317 -10.69 44.30 -10.68
N ASP B 318 -10.20 44.69 -9.50
CA ASP B 318 -11.03 44.78 -8.27
C ASP B 318 -12.20 45.74 -8.54
N PRO B 319 -13.46 45.29 -8.47
CA PRO B 319 -14.60 46.16 -8.81
C PRO B 319 -14.81 47.33 -7.84
N GLY B 320 -14.22 47.26 -6.64
CA GLY B 320 -14.27 48.27 -5.57
C GLY B 320 -14.77 47.67 -4.26
N ASN B 321 -15.27 48.51 -3.34
CA ASN B 321 -15.96 48.07 -2.09
C ASN B 321 -17.47 48.04 -2.33
N VAL B 322 -17.86 48.27 -3.58
CA VAL B 322 -19.26 48.27 -4.09
C VAL B 322 -19.70 46.82 -4.37
N GLN B 323 -18.76 45.96 -4.77
CA GLN B 323 -18.97 44.51 -5.01
C GLN B 323 -17.87 43.73 -4.28
N LYS B 324 -18.20 43.18 -3.11
CA LYS B 324 -17.26 42.46 -2.20
C LYS B 324 -16.84 41.14 -2.89
N ALA B 325 -15.53 40.97 -3.17
CA ALA B 325 -14.97 39.85 -3.96
C ALA B 325 -13.64 39.34 -3.35
N VAL B 326 -13.22 38.12 -3.72
CA VAL B 326 -11.91 37.49 -3.34
C VAL B 326 -10.89 37.77 -4.45
N CYS B 327 -9.69 38.24 -4.09
CA CYS B 327 -8.72 38.68 -5.12
C CYS B 327 -7.63 37.64 -5.35
N HIS B 328 -7.96 36.35 -5.24
CA HIS B 328 -6.96 35.31 -5.59
C HIS B 328 -7.02 35.10 -7.10
N PRO B 329 -5.97 35.43 -7.87
CA PRO B 329 -5.97 35.19 -9.31
C PRO B 329 -6.57 33.79 -9.54
N THR B 330 -7.72 33.71 -10.19
CA THR B 330 -8.40 32.40 -10.35
C THR B 330 -8.86 32.21 -11.80
N ALA B 331 -8.56 31.05 -12.39
CA ALA B 331 -9.00 30.74 -13.76
C ALA B 331 -10.22 29.82 -13.67
N TRP B 332 -11.22 30.00 -14.54
CA TRP B 332 -12.49 29.23 -14.39
C TRP B 332 -12.83 28.42 -15.64
N ASP B 333 -13.45 27.25 -15.46
CA ASP B 333 -13.89 26.40 -16.59
C ASP B 333 -15.30 25.93 -16.25
N LEU B 334 -16.32 26.74 -16.54
CA LEU B 334 -17.71 26.38 -16.11
C LEU B 334 -18.30 25.32 -17.06
N GLY B 335 -17.76 25.20 -18.26
CA GLY B 335 -18.34 24.27 -19.25
C GLY B 335 -19.30 24.99 -20.18
N LYS B 336 -19.92 24.25 -21.11
CA LYS B 336 -20.86 24.87 -22.08
C LYS B 336 -20.12 25.97 -22.85
N GLY B 337 -18.79 25.90 -22.89
CA GLY B 337 -17.99 26.90 -23.61
C GLY B 337 -17.68 28.10 -22.74
N ASP B 338 -18.15 28.07 -21.49
CA ASP B 338 -17.96 29.26 -20.60
C ASP B 338 -16.58 29.20 -19.96
N PHE B 339 -15.65 30.02 -20.46
CA PHE B 339 -14.30 30.10 -19.85
C PHE B 339 -14.12 31.53 -19.33
N ARG B 340 -13.78 31.69 -18.04
CA ARG B 340 -13.69 33.06 -17.46
C ARG B 340 -12.44 33.20 -16.60
N ILE B 341 -11.97 34.43 -16.40
CA ILE B 341 -10.82 34.67 -15.47
C ILE B 341 -11.24 35.73 -14.45
N LEU B 342 -11.11 35.43 -13.17
CA LEU B 342 -11.45 36.41 -12.10
C LEU B 342 -10.15 36.87 -11.46
N MET B 343 -9.77 38.14 -11.66
CA MET B 343 -8.46 38.61 -11.14
C MET B 343 -8.54 40.10 -10.76
N CYS B 344 -7.93 40.48 -9.65
CA CYS B 344 -7.85 41.90 -9.24
C CYS B 344 -6.55 42.48 -9.81
N THR B 345 -6.51 42.67 -11.13
CA THR B 345 -5.24 43.00 -11.84
C THR B 345 -4.77 44.36 -11.35
N LYS B 346 -3.65 44.39 -10.61
CA LYS B 346 -2.86 45.61 -10.33
C LYS B 346 -1.96 45.82 -11.57
N VAL B 347 -1.62 47.07 -11.91
CA VAL B 347 -0.75 47.39 -13.08
C VAL B 347 0.72 47.36 -12.62
N THR B 348 1.18 46.18 -12.19
CA THR B 348 2.61 45.84 -11.93
C THR B 348 3.02 44.69 -12.86
N MET B 349 4.27 44.22 -12.73
CA MET B 349 4.86 43.17 -13.60
C MET B 349 4.26 41.80 -13.21
N ASP B 350 4.36 41.44 -11.93
CA ASP B 350 3.88 40.15 -11.37
C ASP B 350 2.51 39.80 -11.94
N ASP B 351 1.59 40.76 -12.00
CA ASP B 351 0.19 40.56 -12.47
C ASP B 351 0.16 40.53 -14.00
N PHE B 352 1.26 40.95 -14.67
CA PHE B 352 1.50 40.71 -16.13
C PHE B 352 1.92 39.24 -16.34
N LEU B 353 2.68 38.68 -15.41
CA LEU B 353 3.13 37.25 -15.42
C LEU B 353 1.98 36.34 -14.97
N THR B 354 1.34 36.62 -13.83
CA THR B 354 0.14 35.91 -13.31
C THR B 354 -1.01 35.98 -14.35
N ALA B 355 -1.05 37.00 -15.20
CA ALA B 355 -2.02 37.04 -16.32
C ALA B 355 -1.68 35.92 -17.31
N HIS B 356 -0.39 35.61 -17.47
CA HIS B 356 0.11 34.63 -18.46
C HIS B 356 -0.07 33.22 -17.89
N HIS B 357 0.29 33.03 -16.63
CA HIS B 357 0.05 31.71 -15.96
C HIS B 357 -1.44 31.38 -16.01
N GLU B 358 -2.31 32.32 -15.65
CA GLU B 358 -3.77 32.05 -15.58
C GLU B 358 -4.34 31.78 -16.98
N MET B 359 -3.98 32.60 -17.97
CA MET B 359 -4.42 32.29 -19.37
C MET B 359 -3.90 30.88 -19.65
N GLY B 360 -2.66 30.60 -19.25
CA GLY B 360 -2.14 29.22 -19.33
C GLY B 360 -3.21 28.18 -18.98
N HIS B 361 -3.88 28.32 -17.82
CA HIS B 361 -4.92 27.36 -17.39
C HIS B 361 -6.00 27.28 -18.48
N ILE B 362 -6.43 28.43 -19.02
CA ILE B 362 -7.64 28.54 -19.90
C ILE B 362 -7.33 27.79 -21.20
N GLN B 363 -6.21 28.14 -21.82
CA GLN B 363 -5.67 27.43 -23.00
C GLN B 363 -5.77 25.93 -22.75
N TYR B 364 -5.29 25.48 -21.59
CA TYR B 364 -5.31 24.05 -21.22
C TYR B 364 -6.77 23.57 -21.18
N ASP B 365 -7.69 24.33 -20.56
CA ASP B 365 -9.11 23.89 -20.39
C ASP B 365 -9.83 23.92 -21.74
N MET B 366 -9.37 24.79 -22.65
CA MET B 366 -10.02 24.99 -23.97
C MET B 366 -9.65 23.80 -24.85
N ALA B 367 -8.35 23.49 -24.88
CA ALA B 367 -7.76 22.37 -25.64
C ALA B 367 -8.42 21.02 -25.28
N TYR B 368 -8.68 20.71 -23.98
CA TYR B 368 -9.28 19.39 -23.59
C TYR B 368 -10.80 19.50 -23.44
N ALA B 369 -11.38 20.64 -23.84
CA ALA B 369 -12.82 20.92 -23.66
C ALA B 369 -13.66 19.86 -24.41
N ALA B 370 -13.14 19.29 -25.51
CA ALA B 370 -13.86 18.30 -26.34
C ALA B 370 -13.90 16.91 -25.65
N GLN B 371 -12.98 16.64 -24.72
CA GLN B 371 -12.97 15.35 -23.98
C GLN B 371 -14.33 15.14 -23.33
N PRO B 372 -14.69 13.86 -23.03
CA PRO B 372 -15.80 13.59 -22.12
C PRO B 372 -15.54 14.23 -20.75
N PHE B 373 -16.61 14.38 -19.98
CA PHE B 373 -16.66 15.16 -18.72
C PHE B 373 -15.46 14.75 -17.85
N LEU B 374 -15.29 13.48 -17.55
CA LEU B 374 -14.41 13.06 -16.42
C LEU B 374 -12.95 13.06 -16.85
N LEU B 375 -12.69 13.09 -18.16
CA LEU B 375 -11.32 13.21 -18.71
C LEU B 375 -10.97 14.67 -19.02
N ARG B 376 -11.88 15.64 -18.77
CA ARG B 376 -11.56 17.10 -18.81
C ARG B 376 -10.85 17.51 -17.51
N ASN B 377 -9.59 17.13 -17.38
CA ASN B 377 -8.71 17.48 -16.23
C ASN B 377 -7.30 17.50 -16.78
N GLY B 378 -6.35 18.04 -16.01
CA GLY B 378 -4.91 17.83 -16.21
C GLY B 378 -4.59 16.34 -16.16
N ALA B 379 -3.58 15.89 -16.92
CA ALA B 379 -3.18 14.47 -17.03
C ALA B 379 -2.85 13.94 -15.63
N ASN B 380 -2.35 14.81 -14.74
CA ASN B 380 -2.23 14.52 -13.30
C ASN B 380 -2.12 15.86 -12.53
N GLU B 381 -2.26 15.83 -11.22
CA GLU B 381 -2.42 17.03 -10.37
C GLU B 381 -1.29 18.03 -10.61
N GLY B 382 -0.19 17.63 -11.27
CA GLY B 382 1.01 18.47 -11.43
C GLY B 382 0.98 19.27 -12.72
N PHE B 383 0.18 18.86 -13.71
CA PHE B 383 0.28 19.37 -15.10
C PHE B 383 -0.16 20.85 -15.16
N HIS B 384 -1.34 21.17 -14.63
CA HIS B 384 -1.95 22.52 -14.71
C HIS B 384 -0.95 23.58 -14.23
N GLU B 385 -0.42 23.40 -13.03
CA GLU B 385 0.54 24.39 -12.47
C GLU B 385 1.65 24.56 -13.49
N ALA B 386 2.27 23.45 -13.88
CA ALA B 386 3.49 23.47 -14.70
C ALA B 386 3.22 24.22 -16.01
N VAL B 387 2.03 24.06 -16.61
CA VAL B 387 1.72 24.62 -17.96
C VAL B 387 1.63 26.16 -17.88
N GLY B 388 0.78 26.66 -16.98
CA GLY B 388 0.82 28.06 -16.55
C GLY B 388 2.24 28.51 -16.31
N GLU B 389 2.98 27.80 -15.45
CA GLU B 389 4.35 28.20 -15.01
C GLU B 389 5.29 28.46 -16.18
N ILE B 390 5.19 27.73 -17.30
CA ILE B 390 6.18 27.88 -18.41
C ILE B 390 5.89 29.19 -19.16
N MET B 391 4.67 29.71 -19.06
CA MET B 391 4.25 31.02 -19.66
C MET B 391 4.93 32.19 -18.92
N SER B 392 4.88 32.20 -17.59
CA SER B 392 5.53 33.26 -16.78
C SER B 392 7.04 33.26 -17.04
N LEU B 393 7.61 32.11 -17.41
CA LEU B 393 9.05 31.91 -17.73
C LEU B 393 9.40 32.54 -19.08
N SER B 394 8.69 32.16 -20.15
CA SER B 394 8.86 32.72 -21.54
C SER B 394 8.60 34.23 -21.52
N ALA B 395 7.60 34.69 -20.77
CA ALA B 395 7.11 36.09 -20.74
C ALA B 395 8.03 37.00 -19.90
N ALA B 396 8.69 36.44 -18.88
CA ALA B 396 9.61 37.23 -18.03
C ALA B 396 11.00 37.26 -18.65
N THR B 397 11.13 36.82 -19.90
CA THR B 397 12.44 36.89 -20.60
C THR B 397 12.63 38.28 -21.20
N PRO B 398 13.80 38.93 -21.01
CA PRO B 398 14.04 40.23 -21.62
C PRO B 398 13.60 40.16 -23.09
N LYS B 399 14.02 39.12 -23.79
CA LYS B 399 13.58 38.94 -25.20
C LYS B 399 12.11 39.31 -25.31
N HIS B 400 11.23 38.64 -24.56
CA HIS B 400 9.78 38.89 -24.67
C HIS B 400 9.48 40.32 -24.21
N LEU B 401 9.98 40.69 -23.03
CA LEU B 401 9.73 42.04 -22.50
C LEU B 401 10.13 43.08 -23.54
N LYS B 402 11.36 43.00 -24.03
CA LYS B 402 11.86 43.99 -25.04
C LYS B 402 11.04 43.88 -26.32
N SER B 403 10.50 42.70 -26.63
CA SER B 403 9.77 42.50 -27.91
C SER B 403 8.38 43.13 -27.83
N ILE B 404 7.84 43.31 -26.63
CA ILE B 404 6.48 43.89 -26.45
C ILE B 404 6.59 45.41 -26.41
N GLY B 405 7.60 45.93 -25.70
CA GLY B 405 7.82 47.38 -25.62
C GLY B 405 8.20 47.81 -24.21
N LEU B 406 7.99 46.95 -23.22
CA LEU B 406 8.25 47.33 -21.80
C LEU B 406 9.74 47.59 -21.59
N LEU B 407 10.61 46.71 -22.10
CA LEU B 407 12.07 46.86 -21.83
C LEU B 407 12.72 47.63 -22.98
N SER B 408 13.61 48.58 -22.66
CA SER B 408 14.26 49.42 -23.69
C SER B 408 15.37 48.61 -24.36
N PRO B 409 15.51 48.67 -25.71
CA PRO B 409 16.54 47.88 -26.41
C PRO B 409 17.99 48.07 -25.89
N ASP B 410 18.24 49.18 -25.19
CA ASP B 410 19.61 49.47 -24.69
C ASP B 410 19.88 48.62 -23.45
N PHE B 411 18.91 47.78 -23.06
CA PHE B 411 19.09 46.98 -21.82
C PHE B 411 20.23 45.99 -22.03
N GLN B 412 21.31 46.16 -21.26
CA GLN B 412 22.49 45.27 -21.39
C GLN B 412 22.26 44.02 -20.56
N GLU B 413 22.11 42.87 -21.23
CA GLU B 413 21.88 41.59 -20.50
C GLU B 413 23.20 41.15 -19.87
N ASP B 414 23.56 41.74 -18.72
CA ASP B 414 24.83 41.40 -18.04
C ASP B 414 24.74 40.01 -17.42
N ASN B 415 25.88 39.38 -17.16
CA ASN B 415 25.84 38.08 -16.43
C ASN B 415 25.41 38.38 -15.00
N GLU B 416 25.72 39.59 -14.51
CA GLU B 416 25.30 40.01 -13.15
C GLU B 416 23.78 40.10 -13.09
N THR B 417 23.18 40.68 -14.14
CA THR B 417 21.71 40.83 -14.20
C THR B 417 21.06 39.45 -14.19
N GLU B 418 21.64 38.49 -14.93
CA GLU B 418 21.06 37.13 -15.01
C GLU B 418 21.29 36.42 -13.67
N ILE B 419 22.50 36.52 -13.12
CA ILE B 419 22.74 35.93 -11.78
C ILE B 419 21.78 36.60 -10.78
N ASN B 420 21.32 37.83 -11.06
CA ASN B 420 20.28 38.54 -10.26
C ASN B 420 18.92 37.86 -10.49
N PHE B 421 18.51 37.69 -11.75
CA PHE B 421 17.22 37.06 -12.20
C PHE B 421 17.08 35.61 -11.70
N LEU B 422 18.11 34.80 -11.94
CA LEU B 422 18.17 33.36 -11.54
C LEU B 422 18.18 33.20 -10.01
N LEU B 423 18.87 34.08 -9.28
CA LEU B 423 18.88 34.03 -7.80
C LEU B 423 17.45 34.23 -7.28
N LYS B 424 16.75 35.24 -7.81
CA LYS B 424 15.35 35.51 -7.39
C LYS B 424 14.50 34.28 -7.71
N GLN B 425 14.62 33.77 -8.93
CA GLN B 425 13.84 32.58 -9.35
C GLN B 425 14.14 31.42 -8.38
N ALA B 426 15.40 31.28 -7.98
CA ALA B 426 15.80 30.18 -7.08
C ALA B 426 15.11 30.35 -5.72
N LEU B 427 15.12 31.57 -5.18
CA LEU B 427 14.53 31.82 -3.83
C LEU B 427 13.08 31.34 -3.84
N THR B 428 12.43 31.35 -5.01
CA THR B 428 11.01 30.96 -5.10
C THR B 428 10.87 29.50 -5.54
N ILE B 429 11.70 29.06 -6.48
CA ILE B 429 11.54 27.68 -7.04
C ILE B 429 12.34 26.66 -6.25
N VAL B 430 13.66 26.84 -6.13
CA VAL B 430 14.48 25.79 -5.47
C VAL B 430 14.34 25.93 -3.94
N GLY B 431 13.98 27.11 -3.44
CA GLY B 431 13.72 27.34 -2.00
C GLY B 431 12.59 26.45 -1.47
N THR B 432 11.62 26.11 -2.35
CA THR B 432 10.32 25.51 -2.00
C THR B 432 10.36 23.99 -2.09
N LEU B 433 11.35 23.41 -2.78
CA LEU B 433 11.32 21.95 -3.05
C LEU B 433 11.66 21.17 -1.78
N PRO B 434 12.73 21.50 -1.03
CA PRO B 434 12.97 20.83 0.22
C PRO B 434 11.73 20.95 1.11
N PHE B 435 11.09 22.12 1.07
CA PHE B 435 10.01 22.51 1.99
C PHE B 435 8.82 21.61 1.68
N THR B 436 8.44 21.58 0.39
CA THR B 436 7.36 20.71 -0.15
C THR B 436 7.64 19.26 0.24
N TYR B 437 8.75 18.67 -0.24
CA TYR B 437 9.07 17.23 -0.05
C TYR B 437 9.02 16.89 1.45
N MET B 438 9.70 17.67 2.30
CA MET B 438 9.78 17.36 3.75
C MET B 438 8.37 17.38 4.35
N LEU B 439 7.53 18.35 3.99
CA LEU B 439 6.12 18.42 4.46
C LEU B 439 5.32 17.19 4.00
N GLU B 440 5.36 16.83 2.73
CA GLU B 440 4.53 15.68 2.25
C GLU B 440 5.13 14.38 2.80
N LYS B 441 6.44 14.29 2.97
CA LYS B 441 7.11 13.11 3.57
C LYS B 441 6.58 12.91 5.00
N TRP B 442 6.49 13.97 5.80
CA TRP B 442 5.88 13.87 7.15
C TRP B 442 4.44 13.40 7.07
N ARG B 443 3.64 13.94 6.16
CA ARG B 443 2.22 13.51 6.07
C ARG B 443 2.13 12.03 5.70
N TRP B 444 2.79 11.64 4.61
CA TRP B 444 2.86 10.24 4.11
C TRP B 444 3.27 9.29 5.24
N MET B 445 4.29 9.67 6.01
CA MET B 445 4.81 8.93 7.19
C MET B 445 3.76 8.85 8.30
N VAL B 446 3.06 9.96 8.58
CA VAL B 446 2.05 10.04 9.68
C VAL B 446 0.86 9.16 9.34
N PHE B 447 0.36 9.21 8.11
CA PHE B 447 -0.80 8.39 7.63
C PHE B 447 -0.44 6.90 7.62
N LYS B 448 0.84 6.56 7.44
CA LYS B 448 1.32 5.16 7.29
C LYS B 448 1.36 4.49 8.67
N GLY B 449 1.50 5.30 9.73
CA GLY B 449 1.74 4.84 11.11
C GLY B 449 3.21 4.93 11.49
N GLU B 450 4.07 5.38 10.57
CA GLU B 450 5.55 5.44 10.79
C GLU B 450 5.89 6.48 11.87
N ILE B 451 4.98 7.41 12.19
CA ILE B 451 5.26 8.44 13.22
C ILE B 451 4.14 8.40 14.24
N PRO B 452 4.47 8.00 15.49
CA PRO B 452 3.53 8.06 16.61
C PRO B 452 3.19 9.51 17.01
N LYS B 453 1.91 9.72 17.36
CA LYS B 453 1.33 10.98 17.90
C LYS B 453 2.24 11.63 18.95
N ASP B 454 2.83 10.86 19.86
CA ASP B 454 3.64 11.44 20.98
C ASP B 454 5.00 11.94 20.45
N GLN B 455 5.27 11.86 19.13
CA GLN B 455 6.45 12.56 18.55
C GLN B 455 6.20 13.06 17.12
N TRP B 456 4.97 13.51 16.83
CA TRP B 456 4.59 14.20 15.58
C TRP B 456 5.46 15.43 15.35
N MET B 457 5.48 16.33 16.34
CA MET B 457 6.23 17.61 16.31
C MET B 457 7.73 17.35 16.52
N LYS B 458 8.10 16.42 17.39
CA LYS B 458 9.52 16.00 17.58
C LYS B 458 10.13 15.69 16.21
N LYS B 459 9.43 14.89 15.41
CA LYS B 459 9.85 14.42 14.07
C LYS B 459 9.71 15.57 13.05
N TRP B 460 8.67 16.41 13.13
CA TRP B 460 8.49 17.52 12.17
C TRP B 460 9.77 18.37 12.17
N TRP B 461 10.16 18.81 13.36
CA TRP B 461 11.37 19.64 13.55
C TRP B 461 12.65 18.86 13.24
N GLU B 462 12.78 17.60 13.67
CA GLU B 462 13.90 16.72 13.25
C GLU B 462 14.08 16.83 11.73
N MET B 463 12.99 16.67 10.98
CA MET B 463 13.01 16.62 9.49
C MET B 463 13.20 18.02 8.90
N LYS B 464 12.57 19.05 9.46
CA LYS B 464 12.87 20.46 9.08
C LYS B 464 14.40 20.63 9.09
N ARG B 465 15.02 20.30 10.23
CA ARG B 465 16.48 20.42 10.49
C ARG B 465 17.26 19.61 9.46
N GLU B 466 16.94 18.32 9.26
CA GLU B 466 17.69 17.41 8.35
C GLU B 466 17.53 17.87 6.90
N ILE B 467 16.32 17.82 6.36
CA ILE B 467 16.11 17.93 4.87
C ILE B 467 16.19 19.40 4.42
N VAL B 468 15.69 20.34 5.24
CA VAL B 468 15.39 21.75 4.85
C VAL B 468 16.44 22.72 5.43
N GLY B 469 17.20 22.30 6.45
CA GLY B 469 18.23 23.13 7.08
C GLY B 469 17.63 24.31 7.79
N VAL B 470 16.40 24.15 8.29
CA VAL B 470 15.62 25.19 9.02
C VAL B 470 15.33 24.67 10.42
N VAL B 471 15.26 25.56 11.42
CA VAL B 471 15.15 25.18 12.86
C VAL B 471 14.11 26.09 13.54
N GLU B 472 13.29 25.48 14.37
CA GLU B 472 12.28 26.20 15.17
C GLU B 472 13.02 27.21 16.04
N PRO B 473 12.56 28.48 16.13
CA PRO B 473 13.16 29.47 17.03
C PRO B 473 12.76 29.29 18.51
N VAL B 474 11.75 28.47 18.78
CA VAL B 474 11.45 28.08 20.18
C VAL B 474 11.00 26.63 20.15
N PRO B 475 11.21 25.89 21.26
CA PRO B 475 10.77 24.50 21.36
C PRO B 475 9.26 24.23 21.27
N HIS B 476 8.88 23.23 20.49
CA HIS B 476 7.47 22.86 20.24
C HIS B 476 7.18 21.41 20.66
N ASP B 477 6.44 21.22 21.75
CA ASP B 477 5.97 19.89 22.22
C ASP B 477 4.75 19.47 21.39
N GLU B 478 4.04 18.42 21.82
CA GLU B 478 3.05 17.70 21.00
C GLU B 478 1.66 18.33 21.14
N THR B 479 1.58 19.41 21.93
CA THR B 479 0.42 20.33 21.99
C THR B 479 0.35 21.17 20.71
N TYR B 480 1.48 21.52 20.09
CA TYR B 480 1.52 22.24 18.80
C TYR B 480 1.12 21.29 17.66
N CYS B 481 0.62 21.85 16.55
CA CYS B 481 0.42 21.12 15.28
C CYS B 481 0.77 22.08 14.14
N ASP B 482 2.06 22.37 14.02
CA ASP B 482 2.65 23.42 13.14
C ASP B 482 2.37 23.05 11.69
N PRO B 483 2.41 21.76 11.30
CA PRO B 483 1.99 21.38 9.96
C PRO B 483 0.67 22.03 9.56
N ALA B 484 -0.31 21.94 10.45
CA ALA B 484 -1.68 22.47 10.27
C ALA B 484 -1.69 24.00 10.19
N SER B 485 -0.61 24.67 10.66
CA SER B 485 -0.40 26.14 10.54
C SER B 485 -0.38 26.55 9.07
N LEU B 486 -0.33 25.64 8.10
CA LEU B 486 -0.33 25.98 6.64
C LEU B 486 -1.70 25.67 6.04
N PHE B 487 -2.20 26.56 5.18
CA PHE B 487 -3.50 26.44 4.46
C PHE B 487 -3.73 25.00 3.97
N HIS B 488 -2.81 24.41 3.23
CA HIS B 488 -3.07 23.12 2.52
C HIS B 488 -3.20 21.95 3.51
N VAL B 489 -2.44 21.98 4.60
CA VAL B 489 -2.55 20.93 5.65
C VAL B 489 -3.96 20.93 6.20
N SER B 490 -4.48 22.09 6.61
CA SER B 490 -5.71 22.23 7.43
C SER B 490 -6.94 22.18 6.54
N ASN B 491 -6.78 22.44 5.24
CA ASN B 491 -7.85 22.28 4.20
C ASN B 491 -7.70 20.98 3.41
N ASP B 492 -6.92 19.99 3.89
CA ASP B 492 -6.89 18.61 3.33
C ASP B 492 -6.67 18.64 1.80
N TYR B 493 -5.53 19.15 1.37
CA TYR B 493 -5.06 19.19 -0.04
C TYR B 493 -3.66 18.55 -0.14
N SER B 494 -3.50 17.60 -1.05
CA SER B 494 -2.18 17.02 -1.40
C SER B 494 -1.19 18.16 -1.78
N PHE B 495 0.05 18.06 -1.33
CA PHE B 495 1.10 19.10 -1.52
C PHE B 495 2.20 18.66 -2.48
N ILE B 496 2.28 17.38 -2.85
CA ILE B 496 3.40 16.92 -3.71
C ILE B 496 3.27 17.52 -5.12
N ARG B 497 2.06 17.93 -5.53
CA ARG B 497 1.77 18.64 -6.81
C ARG B 497 2.73 19.82 -7.02
N TYR B 498 3.20 20.45 -5.94
CA TYR B 498 4.13 21.61 -6.05
C TYR B 498 5.54 21.11 -6.36
N TYR B 499 5.89 19.88 -5.93
CA TYR B 499 7.21 19.28 -6.26
C TYR B 499 7.15 18.76 -7.71
N THR B 500 6.12 18.01 -8.08
CA THR B 500 6.07 17.43 -9.45
C THR B 500 6.02 18.57 -10.48
N ARG B 501 5.01 19.45 -10.39
CA ARG B 501 4.83 20.57 -11.36
C ARG B 501 6.20 21.23 -11.61
N THR B 502 6.98 21.55 -10.57
CA THR B 502 8.29 22.25 -10.71
C THR B 502 9.22 21.45 -11.64
N LEU B 503 9.50 20.18 -11.32
CA LEU B 503 10.32 19.32 -12.22
C LEU B 503 9.68 19.31 -13.62
N TYR B 504 8.35 19.22 -13.71
CA TYR B 504 7.67 19.05 -15.01
C TYR B 504 7.81 20.34 -15.86
N GLN B 505 7.91 21.51 -15.22
CA GLN B 505 7.76 22.81 -15.97
C GLN B 505 9.04 23.06 -16.77
N PHE B 506 10.19 22.87 -16.15
CA PHE B 506 11.50 22.91 -16.82
C PHE B 506 11.54 21.78 -17.86
N GLN B 507 10.98 20.60 -17.57
CA GLN B 507 10.97 19.52 -18.59
C GLN B 507 10.23 20.02 -19.83
N PHE B 508 9.08 20.67 -19.65
CA PHE B 508 8.29 21.29 -20.75
C PHE B 508 9.10 22.40 -21.44
N GLN B 509 9.75 23.23 -20.65
CA GLN B 509 10.38 24.44 -21.20
C GLN B 509 11.55 23.96 -22.07
N GLU B 510 12.42 23.11 -21.53
CA GLU B 510 13.64 22.59 -22.23
C GLU B 510 13.19 22.00 -23.57
N ALA B 511 12.17 21.16 -23.54
CA ALA B 511 11.52 20.65 -24.77
C ALA B 511 11.18 21.83 -25.68
N LEU B 512 10.35 22.78 -25.23
CA LEU B 512 9.69 23.74 -26.15
C LEU B 512 10.70 24.74 -26.72
N CYS B 513 11.77 25.01 -25.97
CA CYS B 513 12.98 25.73 -26.42
C CYS B 513 13.87 24.83 -27.31
N GLN B 514 13.69 23.52 -27.31
CA GLN B 514 14.27 22.64 -28.36
C GLN B 514 13.42 22.80 -29.61
N ALA B 515 12.10 22.77 -29.50
CA ALA B 515 11.19 22.79 -30.67
C ALA B 515 11.32 24.14 -31.37
N ALA B 516 11.55 25.23 -30.61
CA ALA B 516 11.63 26.63 -31.10
C ALA B 516 13.08 27.01 -31.48
N LYS B 517 14.03 26.12 -31.20
CA LYS B 517 15.45 26.22 -31.62
C LYS B 517 16.11 27.44 -30.95
N HIS B 518 15.74 27.73 -29.71
CA HIS B 518 16.47 28.70 -28.84
C HIS B 518 17.93 28.24 -28.74
N GLU B 519 18.87 29.15 -28.45
CA GLU B 519 20.32 28.84 -28.45
C GLU B 519 20.97 29.11 -27.09
N GLY B 520 20.84 30.31 -26.54
CA GLY B 520 21.48 30.67 -25.25
C GLY B 520 21.17 29.67 -24.13
N PRO B 521 21.50 29.98 -22.85
CA PRO B 521 21.05 29.15 -21.73
C PRO B 521 19.52 29.03 -21.77
N LEU B 522 18.92 28.07 -21.09
CA LEU B 522 17.44 27.80 -21.14
C LEU B 522 16.66 28.99 -20.56
N HIS B 523 17.24 29.69 -19.57
CA HIS B 523 16.50 30.76 -18.86
C HIS B 523 16.27 31.99 -19.74
N LYS B 524 16.97 32.10 -20.86
CA LYS B 524 16.82 33.26 -21.77
C LYS B 524 15.96 32.84 -22.97
N CYS B 525 15.11 31.83 -22.80
CA CYS B 525 14.32 31.30 -23.93
C CYS B 525 12.90 31.87 -23.94
N ASP B 526 12.43 32.32 -25.11
CA ASP B 526 11.02 32.78 -25.24
C ASP B 526 10.39 31.97 -26.38
N ILE B 527 9.25 31.33 -26.12
CA ILE B 527 8.63 30.43 -27.15
C ILE B 527 7.78 31.26 -28.11
N SER B 528 7.71 32.58 -27.90
CA SER B 528 6.87 33.46 -28.75
C SER B 528 7.16 33.11 -30.21
N ASN B 529 6.12 32.74 -30.97
CA ASN B 529 6.12 32.65 -32.46
C ASN B 529 6.39 31.22 -32.93
N SER B 530 6.87 30.34 -32.05
CA SER B 530 7.23 28.95 -32.41
C SER B 530 5.95 28.12 -32.57
N THR B 531 5.47 27.98 -33.80
CA THR B 531 4.36 27.07 -34.16
C THR B 531 4.80 25.63 -33.86
N GLU B 532 6.12 25.39 -33.95
CA GLU B 532 6.75 24.10 -33.57
C GLU B 532 6.38 23.88 -32.11
N ALA B 533 6.84 24.76 -31.22
CA ALA B 533 6.72 24.68 -29.74
C ALA B 533 5.26 24.60 -29.30
N GLY B 534 4.33 25.24 -30.03
CA GLY B 534 2.90 25.32 -29.64
C GLY B 534 2.05 24.22 -30.27
N GLN B 535 2.50 23.61 -31.36
CA GLN B 535 1.80 22.44 -31.95
C GLN B 535 2.04 21.25 -31.01
N LYS B 536 3.24 21.20 -30.42
CA LYS B 536 3.68 20.15 -29.48
C LYS B 536 2.93 20.29 -28.16
N LEU B 537 3.02 21.46 -27.51
CA LEU B 537 2.31 21.76 -26.24
C LEU B 537 0.82 21.47 -26.41
N PHE B 538 0.22 21.94 -27.50
CA PHE B 538 -1.23 21.73 -27.76
C PHE B 538 -1.54 20.23 -27.75
N ASN B 539 -0.68 19.42 -28.39
CA ASN B 539 -0.91 17.96 -28.64
C ASN B 539 -1.11 17.20 -27.32
N MET B 540 -0.40 17.62 -26.25
CA MET B 540 -0.47 17.08 -24.87
C MET B 540 -1.61 17.74 -24.11
N LEU B 541 -1.89 19.01 -24.39
CA LEU B 541 -3.00 19.81 -23.78
C LEU B 541 -4.37 19.21 -24.14
N ARG B 542 -4.57 18.81 -25.39
CA ARG B 542 -5.89 18.34 -25.89
C ARG B 542 -6.20 16.96 -25.29
N LEU B 543 -5.18 16.20 -24.87
CA LEU B 543 -5.41 14.81 -24.39
C LEU B 543 -6.13 14.81 -23.04
N GLY B 544 -6.10 15.94 -22.32
CA GLY B 544 -6.70 16.00 -20.97
C GLY B 544 -6.09 14.93 -20.08
N LYS B 545 -6.96 14.05 -19.56
CA LYS B 545 -6.64 12.89 -18.67
C LYS B 545 -7.07 11.59 -19.36
N SER B 546 -7.10 11.57 -20.69
CA SER B 546 -7.54 10.40 -21.50
C SER B 546 -6.31 9.50 -21.81
N GLU B 547 -5.15 9.82 -21.23
CA GLU B 547 -3.88 9.07 -21.43
C GLU B 547 -3.12 9.05 -20.11
N PRO B 548 -2.27 8.04 -19.88
CA PRO B 548 -1.39 8.07 -18.73
C PRO B 548 -0.61 9.38 -18.81
N TRP B 549 -0.24 9.94 -17.67
CA TRP B 549 0.60 11.15 -17.61
C TRP B 549 2.01 10.80 -18.03
N THR B 550 2.39 9.55 -17.85
CA THR B 550 3.72 9.01 -18.30
C THR B 550 3.84 9.20 -19.82
N LEU B 551 2.77 8.89 -20.55
CA LEU B 551 2.69 9.08 -22.02
C LEU B 551 2.69 10.56 -22.41
N ALA B 552 1.66 11.31 -21.99
CA ALA B 552 1.49 12.76 -22.20
C ALA B 552 2.82 13.45 -22.00
N LEU B 553 3.47 13.19 -20.87
CA LEU B 553 4.79 13.82 -20.58
C LEU B 553 5.77 13.46 -21.69
N GLU B 554 5.85 12.17 -22.03
CA GLU B 554 6.77 11.70 -23.09
C GLU B 554 6.48 12.44 -24.40
N ASN B 555 5.20 12.54 -24.79
CA ASN B 555 4.79 13.22 -26.05
C ASN B 555 5.55 14.55 -26.22
N VAL B 556 5.85 15.27 -25.14
CA VAL B 556 6.36 16.66 -25.23
C VAL B 556 7.87 16.70 -24.91
N VAL B 557 8.40 15.83 -24.04
CA VAL B 557 9.86 15.92 -23.69
C VAL B 557 10.62 14.64 -24.09
N GLY B 558 9.98 13.53 -24.44
CA GLY B 558 10.64 12.29 -24.90
C GLY B 558 10.86 11.25 -23.80
N ALA B 559 10.90 11.67 -22.53
CA ALA B 559 11.03 10.82 -21.33
C ALA B 559 9.63 10.54 -20.73
N LYS B 560 9.44 9.40 -20.06
CA LYS B 560 8.13 8.94 -19.50
C LYS B 560 8.06 9.21 -17.98
N ASN B 561 8.95 10.01 -17.43
CA ASN B 561 9.04 10.13 -15.96
C ASN B 561 9.64 11.49 -15.61
N MET B 562 9.36 11.96 -14.40
CA MET B 562 9.81 13.30 -14.01
C MET B 562 11.34 13.25 -13.88
N ASN B 563 11.99 14.31 -14.33
CA ASN B 563 13.46 14.36 -14.50
C ASN B 563 13.96 15.68 -13.91
N VAL B 564 15.08 15.61 -13.23
CA VAL B 564 15.61 16.80 -12.49
C VAL B 564 16.62 17.56 -13.34
N ARG B 565 17.08 17.03 -14.47
CA ARG B 565 18.25 17.61 -15.19
C ARG B 565 17.87 18.94 -15.82
N PRO B 566 16.72 19.07 -16.51
CA PRO B 566 16.27 20.36 -17.03
C PRO B 566 16.18 21.46 -15.95
N LEU B 567 15.63 21.16 -14.77
CA LEU B 567 15.64 22.13 -13.64
C LEU B 567 17.08 22.57 -13.38
N LEU B 568 18.03 21.63 -13.33
CA LEU B 568 19.44 21.92 -12.96
C LEU B 568 20.16 22.65 -14.11
N ASN B 569 19.78 22.41 -15.39
CA ASN B 569 20.34 23.18 -16.54
C ASN B 569 20.01 24.66 -16.32
N TYR B 570 18.72 24.95 -16.16
CA TYR B 570 18.16 26.31 -15.93
C TYR B 570 19.00 27.05 -14.89
N PHE B 571 19.40 26.38 -13.81
CA PHE B 571 20.07 27.04 -12.64
C PHE B 571 21.60 26.85 -12.68
N GLU B 572 22.15 26.18 -13.71
CA GLU B 572 23.62 25.92 -13.85
C GLU B 572 24.40 27.21 -13.60
N PRO B 573 24.18 28.30 -14.39
CA PRO B 573 24.87 29.57 -14.14
C PRO B 573 24.88 29.97 -12.66
N LEU B 574 23.72 29.94 -12.01
CA LEU B 574 23.63 30.38 -10.59
C LEU B 574 24.45 29.43 -9.71
N PHE B 575 24.36 28.13 -9.98
CA PHE B 575 25.10 27.14 -9.14
C PHE B 575 26.59 27.46 -9.20
N THR B 576 27.10 27.73 -10.40
CA THR B 576 28.53 28.08 -10.55
C THR B 576 28.84 29.31 -9.70
N TRP B 577 27.99 30.33 -9.78
CA TRP B 577 28.22 31.59 -9.02
C TRP B 577 28.17 31.32 -7.51
N LEU B 578 27.17 30.58 -7.06
CA LEU B 578 27.01 30.28 -5.61
C LEU B 578 28.24 29.52 -5.10
N LYS B 579 28.72 28.56 -5.90
CA LYS B 579 29.88 27.73 -5.45
C LYS B 579 31.09 28.64 -5.24
N ASP B 580 31.36 29.54 -6.19
CA ASP B 580 32.48 30.50 -6.04
C ASP B 580 32.21 31.41 -4.84
N GLN B 581 30.94 31.79 -4.63
CA GLN B 581 30.58 32.71 -3.54
C GLN B 581 30.75 32.04 -2.18
N ASN B 582 30.80 30.71 -2.13
CA ASN B 582 30.83 30.01 -0.81
C ASN B 582 32.18 29.31 -0.58
N LYS B 583 33.21 29.64 -1.37
CA LYS B 583 34.52 28.94 -1.25
C LYS B 583 35.10 29.15 0.15
N ASN B 584 34.66 30.20 0.85
CA ASN B 584 35.17 30.53 2.21
C ASN B 584 34.03 30.49 3.25
N SER B 585 32.90 29.85 2.90
CA SER B 585 31.79 29.52 3.84
C SER B 585 31.91 28.05 4.28
N PHE B 586 31.11 27.64 5.26
CA PHE B 586 30.74 26.23 5.52
C PHE B 586 29.39 25.95 4.85
N VAL B 587 29.40 25.28 3.70
CA VAL B 587 28.18 24.73 3.05
C VAL B 587 27.64 23.59 3.93
N GLY B 588 26.32 23.36 3.92
CA GLY B 588 25.60 22.41 4.82
C GLY B 588 25.30 23.03 6.19
N TRP B 589 24.77 22.23 7.12
CA TRP B 589 24.34 22.69 8.47
C TRP B 589 24.52 21.57 9.49
N SER B 590 24.84 21.92 10.75
CA SER B 590 24.74 21.05 11.95
C SER B 590 23.29 21.09 12.47
N THR B 591 22.65 19.92 12.59
CA THR B 591 21.23 19.76 13.02
C THR B 591 21.10 20.11 14.51
N ASP B 592 22.18 20.02 15.26
CA ASP B 592 22.13 20.16 16.74
C ASP B 592 22.07 21.63 17.18
N TRP B 593 22.55 22.59 16.37
CA TRP B 593 22.52 24.02 16.76
C TRP B 593 21.09 24.53 16.71
N SER B 594 20.70 25.32 17.70
CA SER B 594 19.47 26.15 17.73
C SER B 594 19.73 27.52 18.35
N PRO B 595 18.81 28.50 18.13
CA PRO B 595 18.93 29.84 18.71
C PRO B 595 18.70 29.92 20.23
N TYR B 596 17.91 29.01 20.82
CA TYR B 596 17.52 29.03 22.26
C TYR B 596 18.58 28.29 23.09
N ALA B 597 19.68 27.87 22.46
CA ALA B 597 20.90 27.33 23.09
C ALA B 597 21.75 28.51 23.62
N ALA C 1 -11.78 -16.27 -2.40
CA ALA C 1 -12.03 -16.35 -3.88
C ALA C 1 -13.44 -16.92 -4.14
N CYS C 2 -13.86 -17.88 -3.31
CA CYS C 2 -14.92 -18.90 -3.60
C CYS C 2 -16.05 -18.83 -2.57
N GLY C 3 -16.15 -17.74 -1.81
CA GLY C 3 -17.16 -17.55 -0.76
C GLY C 3 -16.72 -18.21 0.54
N ARG C 4 -16.48 -19.50 0.49
CA ARG C 4 -15.95 -20.31 1.63
C ARG C 4 -15.32 -21.58 1.08
N GLN C 5 -14.51 -22.26 1.89
CA GLN C 5 -13.82 -23.51 1.49
C GLN C 5 -14.66 -24.69 1.97
N PHE C 6 -14.80 -25.76 1.14
CA PHE C 6 -15.45 -27.03 1.55
C PHE C 6 -14.44 -28.08 2.01
N CYS C 7 -13.13 -27.78 1.97
CA CYS C 7 -12.05 -28.57 2.62
C CYS C 7 -10.89 -27.67 3.08
N HIS C 8 -9.99 -28.19 3.92
CA HIS C 8 -8.87 -27.44 4.54
C HIS C 8 -7.54 -28.03 4.13
N THR C 9 -7.51 -28.70 2.98
CA THR C 9 -6.28 -29.10 2.27
C THR C 9 -6.20 -28.28 0.99
N LEU C 10 -5.04 -27.69 0.72
CA LEU C 10 -4.83 -26.87 -0.49
C LEU C 10 -4.59 -27.86 -1.64
N MET C 11 -5.53 -27.96 -2.58
CA MET C 11 -5.46 -28.90 -3.71
C MET C 11 -4.84 -28.21 -4.91
N PRO C 12 -4.20 -28.98 -5.84
CA PRO C 12 -3.64 -28.40 -7.06
C PRO C 12 -4.69 -27.56 -7.81
N ARG C 13 -4.24 -26.53 -8.52
CA ARG C 13 -5.21 -25.59 -9.17
C ARG C 13 -5.72 -26.14 -10.51
N HIS C 14 -5.30 -27.33 -10.92
CA HIS C 14 -5.73 -27.84 -12.25
C HIS C 14 -7.13 -28.47 -12.14
N LEU C 15 -7.40 -29.30 -11.13
CA LEU C 15 -8.78 -29.84 -10.92
C LEU C 15 -9.67 -28.62 -10.73
N CYS C 16 -9.08 -27.46 -10.59
CA CYS C 16 -9.73 -26.14 -10.39
C CYS C 16 -9.40 -25.20 -11.61
N ALA C 17 -10.54 -25.54 -12.52
CA ALA C 17 -11.32 -26.50 -13.28
C ALA C 17 -11.07 -26.22 -14.75
N ALA D 1 -12.24 15.34 -5.99
CA ALA D 1 -13.19 14.25 -5.55
C ALA D 1 -14.58 14.56 -6.09
N CYS D 2 -14.64 15.30 -7.20
CA CYS D 2 -15.83 16.09 -7.63
C CYS D 2 -16.07 15.95 -9.14
N GLY D 3 -15.59 14.87 -9.77
CA GLY D 3 -15.67 14.68 -11.23
C GLY D 3 -14.59 15.48 -11.92
N ARG D 4 -14.73 16.80 -11.97
CA ARG D 4 -13.69 17.73 -12.48
C ARG D 4 -13.75 19.00 -11.65
N GLN D 5 -12.72 19.83 -11.75
CA GLN D 5 -12.68 21.17 -11.09
C GLN D 5 -13.13 22.21 -12.13
N PHE D 6 -13.71 23.33 -11.67
CA PHE D 6 -14.17 24.41 -12.59
C PHE D 6 -13.27 25.63 -12.39
N CYS D 7 -12.34 25.54 -11.43
CA CYS D 7 -11.35 26.63 -11.25
C CYS D 7 -10.02 26.00 -10.82
N HIS D 8 -8.90 26.71 -11.05
CA HIS D 8 -7.58 26.09 -10.74
C HIS D 8 -6.96 26.74 -9.49
N THR D 9 -7.81 27.23 -8.58
CA THR D 9 -7.30 27.80 -7.30
C THR D 9 -7.94 27.02 -6.15
N LEU D 10 -7.13 26.47 -5.25
CA LEU D 10 -7.66 25.64 -4.15
C LEU D 10 -8.40 26.52 -3.15
N MET D 11 -9.73 26.56 -3.23
CA MET D 11 -10.55 27.40 -2.33
C MET D 11 -10.61 26.77 -0.95
N PRO D 12 -10.91 27.54 0.11
CA PRO D 12 -11.04 26.98 1.46
C PRO D 12 -12.20 25.98 1.51
N ARG D 13 -12.01 24.86 2.23
CA ARG D 13 -13.05 23.80 2.40
C ARG D 13 -14.35 24.37 3.01
N HIS D 14 -14.27 25.32 3.95
CA HIS D 14 -15.45 25.86 4.71
C HIS D 14 -16.46 26.48 3.76
N LEU D 15 -16.04 27.06 2.63
CA LEU D 15 -16.96 27.73 1.68
C LEU D 15 -17.76 26.71 0.86
N CYS D 16 -17.38 25.43 0.91
CA CYS D 16 -17.69 24.38 -0.11
C CYS D 16 -18.17 23.09 0.55
N ALA D 17 -18.82 22.80 1.75
CA ALA D 17 -19.96 22.06 2.28
C ALA D 17 -19.97 20.63 1.77
#